data_6OYV
#
_entry.id   6OYV
#
_cell.length_a   162.362
_cell.length_b   162.362
_cell.length_c   95.694
_cell.angle_alpha   90.00
_cell.angle_beta   90.00
_cell.angle_gamma   90.00
#
_symmetry.space_group_name_H-M   'I 4'
#
loop_
_entity.id
_entity.type
_entity.pdbx_description
1 polymer 'Cytochrome P450 1B1'
2 non-polymer ESTRADIOL
3 non-polymer 'PROTOPORPHYRIN IX CONTAINING FE'
#
_entity_poly.entity_id   1
_entity_poly.type   'polypeptide(L)'
_entity_poly.pdbx_seq_one_letter_code
;MAKKTSSQPGSRPPGPFPWPLIGNAAEVGSAPHLSFARLARRYGDVFQIRLGSCPVVVLNGERAIRQALVQQGAAFAGRP
PFPSFQVVSGGRSLAFGRYSERWKVQRRVAHSTVRAFSTGQPRSRRVLEQHVLGEARELVRLLVRGSAGGAFLDPAPLTV
VAVANVMSAVCFGCRYSHDDAEFRGLLSHNEKFGRTVGAGSLVDVLPWLQRFPNPVRTAFRDFQQLNRDFYSFVLDKFLR
HRSSLRPGAAPRDMMDAFIHTVGKEEAEGNGDSGPRLDLEYVPATVTDIFGASQDTLSTALQWLLILFTRYPEVQARVQE
ELDRVVGRDRLPCMDDQPHLPYVMAFLYEAMRFSSFVPVTIPHATTADTSIMGYHIPKDTVVFVNQWSVNHDPVKWPNPE
DFNPARFLDKNGFINKDLASSVMIFSVGKRRCIGEELSKMQLFLFISILAHQCNFRANPDEDSKMDFSYGLTIKPKSFTI
NVTLRSTHHHHHH
;
_entity_poly.pdbx_strand_id   A,B
#
# COMPACT_ATOMS: atom_id res chain seq x y z
N PRO A 13 2.69 43.48 12.42
CA PRO A 13 1.42 43.26 11.72
C PRO A 13 0.49 44.47 11.84
N PRO A 14 -0.15 44.88 10.75
CA PRO A 14 -1.06 46.03 10.83
C PRO A 14 -2.00 45.93 12.01
N GLY A 15 -2.14 47.04 12.73
CA GLY A 15 -2.83 47.08 14.00
C GLY A 15 -4.24 46.52 13.94
N PRO A 16 -4.72 45.97 15.08
CA PRO A 16 -6.07 45.39 15.10
C PRO A 16 -7.14 46.27 14.46
N PHE A 17 -7.83 45.73 13.47
CA PHE A 17 -8.89 46.51 12.87
C PHE A 17 -10.24 46.08 13.41
N PRO A 18 -11.14 47.03 13.65
CA PRO A 18 -12.50 46.67 14.07
C PRO A 18 -13.36 46.31 12.88
N TRP A 19 -14.38 45.50 13.14
CA TRP A 19 -15.30 45.11 12.09
C TRP A 19 -15.97 46.36 11.51
N PRO A 32 -18.64 39.04 6.48
CA PRO A 32 -18.30 37.61 6.55
C PRO A 32 -16.83 37.34 6.24
N HIS A 33 -16.54 36.19 5.65
CA HIS A 33 -15.19 35.91 5.15
C HIS A 33 -14.79 36.89 4.05
N LEU A 34 -15.77 37.50 3.37
CA LEU A 34 -15.45 38.50 2.35
C LEU A 34 -14.81 39.73 2.95
N SER A 35 -15.21 40.10 4.18
CA SER A 35 -14.59 41.24 4.84
C SER A 35 -13.08 41.09 4.94
N PHE A 36 -12.59 39.86 5.11
CA PHE A 36 -11.15 39.64 5.18
C PHE A 36 -10.47 40.02 3.88
N ALA A 37 -11.08 39.68 2.74
CA ALA A 37 -10.52 40.05 1.45
C ALA A 37 -10.56 41.56 1.24
N ARG A 38 -11.55 42.25 1.83
CA ARG A 38 -11.62 43.70 1.68
C ARG A 38 -10.41 44.37 2.30
N LEU A 39 -10.03 43.93 3.52
CA LEU A 39 -8.89 44.53 4.19
C LEU A 39 -7.55 44.09 3.62
N ALA A 40 -7.50 42.95 2.94
CA ALA A 40 -6.24 42.49 2.36
C ALA A 40 -5.89 43.27 1.10
N ARG A 41 -6.89 43.76 0.37
CA ARG A 41 -6.63 44.61 -0.78
C ARG A 41 -6.09 45.98 -0.38
N ARG A 42 -6.13 46.31 0.92
CA ARG A 42 -5.81 47.64 1.40
C ARG A 42 -4.69 47.64 2.43
N TYR A 43 -4.76 46.78 3.44
CA TYR A 43 -3.79 46.77 4.53
C TYR A 43 -2.76 45.66 4.41
N GLY A 44 -2.76 44.90 3.32
CA GLY A 44 -1.75 43.88 3.07
C GLY A 44 -2.31 42.48 3.24
N ASP A 45 -1.52 41.52 2.76
CA ASP A 45 -1.94 40.12 2.80
C ASP A 45 -2.10 39.62 4.24
N VAL A 46 -1.38 40.20 5.19
CA VAL A 46 -1.40 39.79 6.58
C VAL A 46 -1.79 40.98 7.43
N PHE A 47 -2.60 40.73 8.46
CA PHE A 47 -3.07 41.80 9.34
C PHE A 47 -3.70 41.17 10.58
N GLN A 48 -4.04 42.02 11.54
CA GLN A 48 -4.64 41.61 12.79
C GLN A 48 -6.09 42.07 12.87
N ILE A 49 -6.92 41.28 13.56
CA ILE A 49 -8.27 41.67 13.89
C ILE A 49 -8.52 41.38 15.35
N ARG A 50 -9.43 42.16 15.96
CA ARG A 50 -9.84 41.98 17.34
C ARG A 50 -11.16 41.21 17.35
N LEU A 51 -11.14 40.01 17.93
CA LEU A 51 -12.33 39.18 18.06
C LEU A 51 -12.73 39.23 19.54
N GLY A 52 -13.43 40.30 19.90
CA GLY A 52 -13.79 40.54 21.28
C GLY A 52 -12.58 40.63 22.18
N SER A 53 -12.30 39.56 22.92
CA SER A 53 -11.17 39.52 23.83
C SER A 53 -9.87 39.12 23.13
N CYS A 54 -9.92 38.08 22.32
CA CYS A 54 -8.70 37.52 21.73
C CYS A 54 -8.32 38.29 20.47
N PRO A 55 -7.05 38.67 20.30
CA PRO A 55 -6.58 39.16 18.99
C PRO A 55 -6.15 38.02 18.09
N VAL A 56 -6.44 38.18 16.80
CA VAL A 56 -6.27 37.11 15.82
C VAL A 56 -5.58 37.65 14.58
N VAL A 57 -4.74 36.81 13.97
CA VAL A 57 -4.06 37.12 12.72
C VAL A 57 -4.81 36.46 11.57
N VAL A 58 -4.71 37.05 10.39
CA VAL A 58 -5.39 36.55 9.20
C VAL A 58 -4.39 36.44 8.06
N LEU A 59 -4.37 35.29 7.39
CA LEU A 59 -3.54 35.06 6.22
C LEU A 59 -4.45 34.91 5.00
N ASN A 60 -4.25 35.75 3.99
CA ASN A 60 -5.16 35.80 2.84
C ASN A 60 -4.54 35.38 1.53
N GLY A 61 -3.27 35.66 1.29
CA GLY A 61 -2.67 35.30 0.02
C GLY A 61 -2.15 33.88 0.02
N GLU A 62 -2.12 33.28 -1.18
CA GLU A 62 -1.45 32.00 -1.33
C GLU A 62 0.01 32.10 -0.89
N ARG A 63 0.62 33.29 -1.02
CA ARG A 63 1.98 33.48 -0.55
C ARG A 63 2.03 33.47 0.98
N ALA A 64 1.15 34.23 1.62
CA ALA A 64 1.16 34.30 3.09
C ALA A 64 0.77 32.98 3.73
N ILE A 65 -0.03 32.16 3.03
CA ILE A 65 -0.50 30.90 3.61
C ILE A 65 0.49 29.78 3.35
N ARG A 66 0.88 29.58 2.09
CA ARG A 66 1.92 28.59 1.79
C ARG A 66 3.14 28.82 2.66
N GLN A 67 3.53 30.10 2.82
CA GLN A 67 4.69 30.42 3.65
C GLN A 67 4.47 29.99 5.09
N ALA A 68 3.29 30.27 5.64
CA ALA A 68 3.05 30.00 7.05
C ALA A 68 2.77 28.52 7.30
N LEU A 69 2.02 27.87 6.42
CA LEU A 69 1.52 26.53 6.67
C LEU A 69 2.40 25.43 6.08
N VAL A 70 3.10 25.70 4.98
CA VAL A 70 3.91 24.68 4.32
C VAL A 70 5.37 24.87 4.71
N GLN A 71 5.93 26.05 4.41
CA GLN A 71 7.33 26.30 4.73
C GLN A 71 7.55 26.28 6.24
N GLN A 72 6.80 27.11 6.97
CA GLN A 72 6.82 27.18 8.43
C GLN A 72 5.69 26.36 9.05
N GLY A 73 5.37 25.21 8.48
CA GLY A 73 4.20 24.47 8.93
C GLY A 73 4.27 24.10 10.41
N ALA A 74 5.41 23.55 10.84
CA ALA A 74 5.58 23.17 12.24
C ALA A 74 5.31 24.34 13.19
N ALA A 75 5.45 25.58 12.71
CA ALA A 75 5.23 26.74 13.56
C ALA A 75 3.77 27.15 13.65
N PHE A 76 2.94 26.80 12.66
CA PHE A 76 1.54 27.16 12.62
C PHE A 76 0.62 25.95 12.82
N ALA A 77 1.16 24.85 13.33
CA ALA A 77 0.41 23.60 13.46
C ALA A 77 -0.34 23.49 14.80
N GLY A 78 -0.59 24.61 15.46
CA GLY A 78 -1.25 24.60 16.75
C GLY A 78 -2.71 24.98 16.66
N ARG A 79 -3.45 24.67 17.73
CA ARG A 79 -4.85 25.05 17.86
C ARG A 79 -5.03 25.91 19.10
N PRO A 80 -5.97 26.85 19.08
CA PRO A 80 -6.24 27.64 20.28
C PRO A 80 -6.85 26.78 21.36
N PRO A 81 -6.63 27.11 22.64
CA PRO A 81 -7.29 26.38 23.72
C PRO A 81 -8.69 26.89 24.00
N PHE A 82 -9.71 26.26 23.40
CA PHE A 82 -11.08 26.75 23.46
C PHE A 82 -12.03 25.83 24.22
N PRO A 83 -13.09 26.38 24.80
CA PRO A 83 -14.16 25.54 25.37
C PRO A 83 -14.80 24.60 24.36
N SER A 84 -15.05 25.07 23.14
CA SER A 84 -15.70 24.23 22.14
C SER A 84 -14.88 22.99 21.84
N PHE A 85 -13.55 23.10 21.90
CA PHE A 85 -12.68 22.06 21.37
C PHE A 85 -12.73 20.78 22.20
N GLN A 86 -12.55 20.87 23.51
CA GLN A 86 -12.15 19.68 24.27
C GLN A 86 -13.28 18.67 24.41
N VAL A 87 -14.51 19.13 24.67
CA VAL A 87 -15.59 18.17 24.88
C VAL A 87 -15.76 17.24 23.69
N VAL A 88 -15.35 17.67 22.50
CA VAL A 88 -15.49 16.84 21.31
C VAL A 88 -14.54 15.64 21.42
N SER A 89 -15.08 14.45 21.15
CA SER A 89 -14.29 13.22 21.16
C SER A 89 -13.64 12.97 22.52
N GLY A 90 -14.23 13.51 23.58
CA GLY A 90 -13.71 13.29 24.92
C GLY A 90 -12.31 13.83 25.12
N GLY A 91 -12.10 15.10 24.78
CA GLY A 91 -10.81 15.72 25.03
C GLY A 91 -9.65 15.10 24.31
N ARG A 92 -9.91 14.27 23.30
CA ARG A 92 -8.86 13.60 22.54
C ARG A 92 -9.08 13.78 21.05
N SER A 93 -9.63 14.93 20.65
CA SER A 93 -9.96 15.18 19.26
C SER A 93 -8.72 15.50 18.46
N LEU A 94 -8.64 14.90 17.26
CA LEU A 94 -7.53 15.22 16.36
C LEU A 94 -7.70 16.60 15.75
N ALA A 95 -8.94 16.97 15.39
CA ALA A 95 -9.18 18.24 14.74
C ALA A 95 -8.93 19.43 15.67
N PHE A 96 -9.18 19.26 16.97
CA PHE A 96 -9.08 20.35 17.91
C PHE A 96 -8.01 20.14 18.98
N GLY A 97 -7.16 19.13 18.84
CA GLY A 97 -6.12 18.91 19.82
C GLY A 97 -4.94 19.83 19.61
N ARG A 98 -4.29 20.19 20.72
CA ARG A 98 -3.13 21.06 20.65
C ARG A 98 -1.95 20.32 20.01
N TYR A 99 -1.04 21.08 19.42
CA TYR A 99 0.16 20.52 18.82
C TYR A 99 1.05 19.95 19.91
N SER A 100 1.18 18.63 19.96
CA SER A 100 1.93 17.94 21.00
C SER A 100 2.66 16.77 20.39
N GLU A 101 3.59 16.20 21.16
CA GLU A 101 4.37 15.07 20.66
C GLU A 101 3.49 13.85 20.46
N ARG A 102 2.48 13.66 21.30
CA ARG A 102 1.52 12.57 21.13
C ARG A 102 0.50 12.89 20.04
N TRP A 103 0.17 14.17 19.84
CA TRP A 103 -0.72 14.53 18.74
C TRP A 103 -0.10 14.17 17.40
N LYS A 104 1.19 14.46 17.22
CA LYS A 104 1.86 14.09 15.98
C LYS A 104 1.68 12.60 15.69
N VAL A 105 1.69 11.77 16.72
CA VAL A 105 1.48 10.34 16.54
C VAL A 105 0.03 10.07 16.17
N GLN A 106 -0.91 10.80 16.77
CA GLN A 106 -2.32 10.62 16.45
C GLN A 106 -2.59 10.88 14.98
N ARG A 107 -1.96 11.92 14.41
CA ARG A 107 -2.18 12.22 13.00
C ARG A 107 -1.55 11.16 12.11
N ARG A 108 -0.29 10.82 12.36
CA ARG A 108 0.43 9.91 11.48
C ARG A 108 -0.37 8.63 11.22
N VAL A 109 -0.89 8.03 12.30
CA VAL A 109 -1.70 6.84 12.13
C VAL A 109 -3.06 7.19 11.53
N ALA A 110 -3.63 8.33 11.94
CA ALA A 110 -4.92 8.75 11.38
C ALA A 110 -4.82 8.95 9.88
N HIS A 111 -3.79 9.69 9.44
CA HIS A 111 -3.60 9.91 8.01
C HIS A 111 -3.33 8.58 7.31
N SER A 112 -2.45 7.75 7.87
CA SER A 112 -2.12 6.49 7.23
C SER A 112 -3.31 5.55 7.16
N THR A 113 -4.11 5.48 8.22
CA THR A 113 -5.24 4.55 8.24
C THR A 113 -6.31 4.98 7.24
N VAL A 114 -6.68 6.26 7.24
CA VAL A 114 -7.70 6.74 6.30
C VAL A 114 -7.20 6.62 4.87
N ARG A 115 -5.92 6.95 4.64
CA ARG A 115 -5.35 6.74 3.31
C ARG A 115 -5.44 5.28 2.89
N ALA A 116 -5.34 4.37 3.86
CA ALA A 116 -5.40 2.95 3.54
C ALA A 116 -6.76 2.58 2.97
N PHE A 117 -7.83 3.15 3.51
CA PHE A 117 -9.17 2.79 3.06
C PHE A 117 -9.52 3.40 1.70
N SER A 118 -9.25 4.69 1.53
CA SER A 118 -9.61 5.35 0.28
C SER A 118 -8.87 4.73 -0.89
N THR A 119 -7.55 4.57 -0.76
CA THR A 119 -6.73 4.06 -1.84
C THR A 119 -5.68 3.13 -1.26
N GLY A 120 -5.54 1.93 -1.83
CA GLY A 120 -4.45 1.08 -1.38
C GLY A 120 -4.87 -0.31 -0.94
N GLN A 121 -5.92 -0.39 -0.12
CA GLN A 121 -6.53 -1.68 0.14
C GLN A 121 -7.51 -1.95 -1.00
N PRO A 122 -7.13 -2.67 -2.05
CA PRO A 122 -8.11 -2.88 -3.14
C PRO A 122 -9.45 -3.33 -2.61
N ARG A 123 -9.45 -4.00 -1.46
CA ARG A 123 -10.70 -4.35 -0.81
C ARG A 123 -11.44 -3.11 -0.32
N SER A 124 -10.76 -2.27 0.47
CA SER A 124 -11.43 -1.09 1.03
C SER A 124 -11.99 -0.19 -0.06
N ARG A 125 -11.27 -0.06 -1.18
CA ARG A 125 -11.84 0.67 -2.30
C ARG A 125 -13.15 0.02 -2.75
N ARG A 126 -13.17 -1.31 -2.80
CA ARG A 126 -14.38 -2.02 -3.15
C ARG A 126 -15.43 -1.84 -2.06
N VAL A 127 -15.06 -2.13 -0.80
CA VAL A 127 -16.03 -2.01 0.29
C VAL A 127 -16.56 -0.59 0.36
N LEU A 128 -15.72 0.40 0.09
CA LEU A 128 -16.20 1.78 0.03
C LEU A 128 -17.05 2.01 -1.22
N GLU A 129 -16.54 1.62 -2.38
CA GLU A 129 -17.27 1.82 -3.62
C GLU A 129 -18.67 1.20 -3.55
N GLN A 130 -18.79 0.05 -2.87
CA GLN A 130 -20.10 -0.57 -2.73
C GLN A 130 -21.03 0.31 -1.91
N HIS A 131 -20.53 0.88 -0.82
CA HIS A 131 -21.38 1.73 0.03
C HIS A 131 -21.77 3.03 -0.68
N VAL A 132 -20.89 3.56 -1.53
CA VAL A 132 -21.22 4.78 -2.27
C VAL A 132 -22.26 4.48 -3.34
N LEU A 133 -22.04 3.41 -4.10
CA LEU A 133 -23.03 2.98 -5.09
C LEU A 133 -24.41 2.86 -4.45
N GLY A 134 -24.54 1.96 -3.48
CA GLY A 134 -25.80 1.73 -2.81
C GLY A 134 -26.56 2.98 -2.44
N GLU A 135 -25.92 3.87 -1.68
CA GLU A 135 -26.58 5.11 -1.28
C GLU A 135 -26.80 6.04 -2.46
N ALA A 136 -25.92 6.00 -3.47
CA ALA A 136 -26.10 6.86 -4.63
C ALA A 136 -27.34 6.46 -5.42
N ARG A 137 -27.59 5.15 -5.56
CA ARG A 137 -28.80 4.70 -6.24
C ARG A 137 -30.04 5.01 -5.40
N GLU A 138 -29.92 4.90 -4.08
CA GLU A 138 -31.02 5.35 -3.23
C GLU A 138 -31.29 6.83 -3.41
N LEU A 139 -30.28 7.59 -3.81
CA LEU A 139 -30.43 9.04 -3.97
C LEU A 139 -31.21 9.38 -5.23
N VAL A 140 -30.86 8.75 -6.36
CA VAL A 140 -31.63 8.98 -7.59
C VAL A 140 -33.04 8.46 -7.42
N ARG A 141 -33.22 7.39 -6.65
CA ARG A 141 -34.57 6.89 -6.39
C ARG A 141 -35.42 7.96 -5.71
N LEU A 142 -34.98 8.43 -4.54
CA LEU A 142 -35.76 9.43 -3.81
C LEU A 142 -35.79 10.77 -4.52
N LEU A 143 -34.81 11.06 -5.38
CA LEU A 143 -34.82 12.32 -6.11
C LEU A 143 -35.82 12.28 -7.27
N VAL A 144 -35.85 11.17 -8.01
CA VAL A 144 -36.78 11.06 -9.13
C VAL A 144 -38.21 10.95 -8.63
N ARG A 145 -38.46 10.01 -7.71
CA ARG A 145 -39.80 9.86 -7.16
C ARG A 145 -40.34 11.17 -6.62
N GLY A 146 -39.51 11.93 -5.91
CA GLY A 146 -39.91 13.22 -5.40
C GLY A 146 -40.14 14.27 -6.47
N SER A 147 -39.76 13.99 -7.72
CA SER A 147 -39.97 14.90 -8.84
C SER A 147 -40.91 14.30 -9.88
N ALA A 148 -41.79 13.41 -9.46
CA ALA A 148 -42.71 12.77 -10.40
C ALA A 148 -43.54 13.82 -11.12
N GLY A 149 -43.80 13.56 -12.40
CA GLY A 149 -44.53 14.52 -13.22
C GLY A 149 -43.70 15.75 -13.49
N GLY A 150 -44.04 16.86 -12.84
CA GLY A 150 -43.26 18.08 -12.95
C GLY A 150 -42.96 18.70 -11.60
N ALA A 151 -42.94 17.87 -10.56
CA ALA A 151 -42.77 18.36 -9.21
C ALA A 151 -41.33 18.72 -8.92
N PHE A 152 -41.14 19.73 -8.08
CA PHE A 152 -39.83 20.14 -7.60
C PHE A 152 -39.70 19.84 -6.11
N LEU A 153 -38.46 19.68 -5.66
CA LEU A 153 -38.19 19.35 -4.26
C LEU A 153 -36.85 19.93 -3.86
N ASP A 154 -36.65 20.08 -2.55
CA ASP A 154 -35.39 20.56 -2.01
C ASP A 154 -34.45 19.38 -1.78
N PRO A 155 -33.28 19.35 -2.42
CA PRO A 155 -32.38 18.20 -2.26
C PRO A 155 -31.51 18.25 -1.02
N ALA A 156 -31.57 19.33 -0.24
CA ALA A 156 -30.68 19.44 0.92
C ALA A 156 -30.87 18.31 1.92
N PRO A 157 -32.10 17.96 2.34
CA PRO A 157 -32.23 16.88 3.33
C PRO A 157 -31.87 15.52 2.78
N LEU A 158 -31.87 15.33 1.46
CA LEU A 158 -31.44 14.06 0.89
C LEU A 158 -29.93 13.94 0.86
N THR A 159 -29.23 15.04 0.59
CA THR A 159 -27.77 15.00 0.56
C THR A 159 -27.21 14.72 1.95
N VAL A 160 -27.79 15.34 2.99
CA VAL A 160 -27.31 15.08 4.34
C VAL A 160 -27.58 13.64 4.74
N VAL A 161 -28.70 13.06 4.27
CA VAL A 161 -29.01 11.67 4.58
C VAL A 161 -28.03 10.75 3.89
N ALA A 162 -27.76 10.99 2.61
CA ALA A 162 -26.82 10.14 1.87
C ALA A 162 -25.42 10.21 2.48
N VAL A 163 -25.02 11.39 2.94
CA VAL A 163 -23.69 11.53 3.53
C VAL A 163 -23.61 10.82 4.88
N ALA A 164 -24.65 11.00 5.71
CA ALA A 164 -24.63 10.37 7.03
C ALA A 164 -24.66 8.85 6.92
N ASN A 165 -25.42 8.31 5.97
CA ASN A 165 -25.52 6.86 5.84
C ASN A 165 -24.21 6.27 5.32
N VAL A 166 -23.60 6.91 4.33
CA VAL A 166 -22.36 6.37 3.78
C VAL A 166 -21.26 6.35 4.84
N MET A 167 -21.09 7.47 5.55
CA MET A 167 -20.03 7.55 6.55
C MET A 167 -20.28 6.62 7.72
N SER A 168 -21.54 6.28 8.00
CA SER A 168 -21.82 5.25 9.00
C SER A 168 -21.31 3.90 8.52
N ALA A 169 -21.45 3.61 7.22
CA ALA A 169 -20.93 2.37 6.68
C ALA A 169 -19.41 2.34 6.67
N VAL A 170 -18.77 3.51 6.61
CA VAL A 170 -17.32 3.56 6.61
C VAL A 170 -16.78 3.45 8.02
N CYS A 171 -17.48 4.03 9.00
CA CYS A 171 -17.04 4.00 10.38
C CYS A 171 -17.51 2.74 11.12
N PHE A 172 -18.76 2.33 10.89
CA PHE A 172 -19.35 1.23 11.64
C PHE A 172 -19.81 0.07 10.74
N GLY A 173 -19.47 0.10 9.46
CA GLY A 173 -19.80 -0.99 8.56
C GLY A 173 -21.25 -1.05 8.16
N CYS A 174 -22.15 -1.03 9.14
CA CYS A 174 -23.57 -1.16 8.87
C CYS A 174 -24.10 0.09 8.17
N ARG A 175 -24.54 -0.06 6.92
CA ARG A 175 -25.22 1.01 6.20
C ARG A 175 -26.71 0.91 6.50
N TYR A 176 -27.16 1.67 7.48
CA TYR A 176 -28.52 1.55 7.98
C TYR A 176 -29.55 1.84 6.89
N SER A 177 -30.76 1.32 7.10
CA SER A 177 -31.91 1.70 6.28
C SER A 177 -32.47 3.03 6.79
N HIS A 178 -32.91 3.86 5.85
CA HIS A 178 -33.26 5.25 6.18
C HIS A 178 -34.30 5.35 7.29
N ASP A 179 -35.06 4.29 7.54
CA ASP A 179 -36.07 4.31 8.60
C ASP A 179 -35.57 3.75 9.92
N ASP A 180 -34.41 3.09 9.92
CA ASP A 180 -33.86 2.52 11.15
C ASP A 180 -33.86 3.55 12.26
N ALA A 181 -34.21 3.11 13.47
CA ALA A 181 -34.35 4.04 14.60
C ALA A 181 -32.99 4.58 15.03
N GLU A 182 -31.96 3.71 15.07
CA GLU A 182 -30.63 4.19 15.44
C GLU A 182 -30.11 5.19 14.42
N PHE A 183 -30.40 4.96 13.15
CA PHE A 183 -29.98 5.91 12.11
C PHE A 183 -30.71 7.24 12.24
N ARG A 184 -31.97 7.21 12.71
CA ARG A 184 -32.69 8.45 12.94
C ARG A 184 -32.03 9.30 14.02
N GLY A 185 -31.35 8.65 14.97
CA GLY A 185 -30.64 9.40 16.00
C GLY A 185 -29.41 10.09 15.48
N LEU A 186 -28.66 9.43 14.57
CA LEU A 186 -27.51 10.07 13.97
C LEU A 186 -27.93 11.34 13.22
N LEU A 187 -28.94 11.22 12.37
CA LEU A 187 -29.46 12.40 11.68
C LEU A 187 -29.86 13.48 12.69
N SER A 188 -30.54 13.09 13.77
CA SER A 188 -30.93 14.04 14.80
C SER A 188 -29.73 14.61 15.53
N HIS A 189 -28.63 13.86 15.57
CA HIS A 189 -27.42 14.36 16.22
C HIS A 189 -26.75 15.43 15.38
N ASN A 190 -26.61 15.19 14.07
CA ASN A 190 -25.95 16.15 13.21
C ASN A 190 -26.67 17.50 13.24
N GLU A 191 -28.00 17.48 13.22
CA GLU A 191 -28.78 18.72 13.22
C GLU A 191 -28.47 19.57 14.44
N LYS A 192 -28.80 19.07 15.64
CA LYS A 192 -28.51 19.82 16.85
C LYS A 192 -27.06 20.23 16.91
N PHE A 193 -26.15 19.37 16.45
CA PHE A 193 -24.73 19.72 16.42
C PHE A 193 -24.51 21.01 15.64
N GLY A 194 -24.89 21.02 14.36
CA GLY A 194 -24.70 22.21 13.55
C GLY A 194 -25.50 23.41 14.02
N ARG A 195 -26.55 23.19 14.81
CA ARG A 195 -27.38 24.28 15.30
C ARG A 195 -26.83 24.90 16.58
N THR A 196 -26.00 24.17 17.33
CA THR A 196 -25.46 24.65 18.60
C THR A 196 -23.96 24.92 18.55
N VAL A 197 -23.27 24.48 17.49
CA VAL A 197 -21.86 24.82 17.35
C VAL A 197 -21.67 26.33 17.40
N GLY A 198 -22.65 27.08 16.90
CA GLY A 198 -22.55 28.54 16.97
C GLY A 198 -22.39 29.03 18.40
N ALA A 199 -23.18 28.48 19.32
CA ALA A 199 -23.04 28.85 20.73
C ALA A 199 -21.69 28.38 21.28
N GLY A 200 -21.27 27.17 20.91
CA GLY A 200 -19.97 26.70 21.35
C GLY A 200 -18.84 27.60 20.90
N SER A 201 -18.97 28.22 19.74
CA SER A 201 -17.94 29.13 19.25
C SER A 201 -18.05 30.51 19.91
N LEU A 202 -19.27 30.94 20.25
CA LEU A 202 -19.42 32.24 20.90
C LEU A 202 -18.68 32.27 22.24
N VAL A 203 -18.71 31.17 22.99
CA VAL A 203 -17.98 31.11 24.25
C VAL A 203 -16.48 31.24 24.01
N ASP A 204 -16.01 30.81 22.84
CA ASP A 204 -14.57 30.87 22.55
C ASP A 204 -14.11 32.31 22.37
N VAL A 205 -15.02 33.20 21.95
CA VAL A 205 -14.69 34.61 21.82
C VAL A 205 -15.33 35.44 22.93
N LEU A 206 -16.32 34.92 23.64
CA LEU A 206 -16.97 35.61 24.75
C LEU A 206 -17.03 34.65 25.94
N PRO A 207 -15.88 34.34 26.54
CA PRO A 207 -15.88 33.35 27.63
C PRO A 207 -16.64 33.81 28.86
N TRP A 208 -16.83 35.11 29.04
CA TRP A 208 -17.58 35.59 30.19
C TRP A 208 -19.07 35.25 30.09
N LEU A 209 -19.56 34.92 28.89
CA LEU A 209 -20.97 34.56 28.76
C LEU A 209 -21.35 33.42 29.69
N GLN A 210 -20.38 32.61 30.10
CA GLN A 210 -20.64 31.50 31.02
C GLN A 210 -20.80 31.96 32.45
N ARG A 211 -20.40 33.20 32.76
CA ARG A 211 -20.49 33.71 34.13
C ARG A 211 -21.90 34.06 34.56
N PHE A 212 -22.88 33.99 33.66
CA PHE A 212 -24.26 34.29 34.02
C PHE A 212 -25.19 33.52 33.08
N PRO A 213 -26.45 33.35 33.46
CA PRO A 213 -27.37 32.59 32.60
C PRO A 213 -27.80 33.39 31.38
N ASN A 214 -27.90 32.70 30.24
CA ASN A 214 -28.35 33.30 29.00
C ASN A 214 -28.60 32.20 27.97
N PRO A 215 -29.21 32.52 26.82
CA PRO A 215 -29.51 31.43 25.86
C PRO A 215 -28.27 30.81 25.24
N VAL A 216 -27.22 31.60 24.98
CA VAL A 216 -26.01 31.04 24.41
C VAL A 216 -25.42 29.97 25.33
N ARG A 217 -25.30 30.29 26.62
CA ARG A 217 -24.79 29.31 27.57
C ARG A 217 -25.67 28.07 27.59
N THR A 218 -26.98 28.25 27.72
CA THR A 218 -27.89 27.10 27.72
C THR A 218 -27.72 26.26 26.46
N ALA A 219 -27.35 26.87 25.35
CA ALA A 219 -27.08 26.12 24.13
C ALA A 219 -25.70 25.47 24.17
N PHE A 220 -24.69 26.20 24.69
CA PHE A 220 -23.35 25.64 24.81
C PHE A 220 -23.37 24.34 25.59
N ARG A 221 -24.17 24.27 26.65
CA ARG A 221 -24.32 23.02 27.39
C ARG A 221 -24.88 21.92 26.49
N ASP A 222 -25.97 22.23 25.78
CA ASP A 222 -26.55 21.27 24.85
C ASP A 222 -25.51 20.80 23.83
N PHE A 223 -24.57 21.67 23.45
CA PHE A 223 -23.53 21.26 22.52
C PHE A 223 -22.52 20.35 23.19
N GLN A 224 -22.14 20.65 24.43
CA GLN A 224 -21.17 19.81 25.12
C GLN A 224 -21.76 18.46 25.49
N GLN A 225 -23.04 18.43 25.88
CA GLN A 225 -23.69 17.16 26.18
C GLN A 225 -23.83 16.31 24.91
N LEU A 226 -23.99 16.97 23.76
CA LEU A 226 -24.11 16.23 22.50
C LEU A 226 -22.86 15.41 22.24
N ASN A 227 -21.70 16.05 22.28
CA ASN A 227 -20.44 15.35 22.01
C ASN A 227 -20.13 14.30 23.07
N ARG A 228 -20.72 14.40 24.26
CA ARG A 228 -20.60 13.31 25.23
C ARG A 228 -21.53 12.16 24.86
N ASP A 229 -22.83 12.46 24.68
CA ASP A 229 -23.77 11.44 24.27
C ASP A 229 -23.30 10.71 23.02
N PHE A 230 -22.69 11.45 22.09
CA PHE A 230 -22.27 10.84 20.82
C PHE A 230 -20.96 10.09 20.97
N TYR A 231 -20.03 10.59 21.80
CA TYR A 231 -18.80 9.85 22.02
C TYR A 231 -19.09 8.50 22.65
N SER A 232 -20.00 8.47 23.63
CA SER A 232 -20.41 7.19 24.22
C SER A 232 -21.01 6.27 23.16
N PHE A 233 -21.82 6.84 22.26
CA PHE A 233 -22.36 6.06 21.16
C PHE A 233 -21.24 5.41 20.36
N VAL A 234 -20.15 6.16 20.10
CA VAL A 234 -19.05 5.61 19.34
C VAL A 234 -18.17 4.72 20.19
N LEU A 235 -18.02 5.03 21.48
CA LEU A 235 -17.26 4.15 22.37
C LEU A 235 -17.92 2.78 22.44
N ASP A 236 -19.24 2.72 22.42
CA ASP A 236 -19.95 1.45 22.40
C ASP A 236 -19.61 0.66 21.14
N LYS A 237 -19.76 1.29 19.96
CA LYS A 237 -19.43 0.61 18.72
C LYS A 237 -18.01 0.07 18.76
N PHE A 238 -17.10 0.80 19.42
CA PHE A 238 -15.71 0.36 19.52
C PHE A 238 -15.61 -0.92 20.34
N LEU A 239 -16.18 -0.91 21.55
CA LEU A 239 -16.14 -2.09 22.39
C LEU A 239 -16.78 -3.28 21.69
N ARG A 240 -18.02 -3.12 21.24
CA ARG A 240 -18.70 -4.23 20.58
C ARG A 240 -17.94 -4.70 19.35
N HIS A 241 -17.21 -3.78 18.70
CA HIS A 241 -16.35 -4.19 17.60
C HIS A 241 -15.11 -4.92 18.11
N ARG A 242 -14.50 -4.41 19.18
CA ARG A 242 -13.23 -5.00 19.61
C ARG A 242 -13.41 -6.44 20.06
N SER A 243 -14.43 -6.71 20.88
CA SER A 243 -14.73 -8.07 21.32
C SER A 243 -15.66 -8.74 20.30
N SER A 244 -15.14 -8.85 19.08
CA SER A 244 -15.87 -9.44 17.97
C SER A 244 -14.86 -9.93 16.94
N LEU A 245 -15.14 -11.09 16.34
CA LEU A 245 -14.30 -11.73 15.34
C LEU A 245 -12.91 -11.09 15.28
N ARG A 246 -12.01 -11.55 16.15
CA ARG A 246 -10.68 -10.97 16.22
C ARG A 246 -9.56 -11.87 15.69
N PRO A 247 -9.70 -12.48 14.50
CA PRO A 247 -8.52 -13.10 13.91
C PRO A 247 -7.69 -12.12 13.11
N GLY A 248 -8.18 -10.89 12.93
CA GLY A 248 -7.47 -9.93 12.11
C GLY A 248 -7.63 -10.19 10.64
N ALA A 249 -8.65 -10.94 10.24
CA ALA A 249 -8.74 -11.40 8.86
C ALA A 249 -8.91 -10.24 7.89
N ALA A 250 -9.79 -9.30 8.22
CA ALA A 250 -10.01 -8.16 7.34
C ALA A 250 -10.67 -7.06 8.15
N PRO A 251 -10.36 -5.79 7.87
CA PRO A 251 -11.09 -4.70 8.52
C PRO A 251 -12.43 -4.54 7.83
N ARG A 252 -13.52 -4.72 8.59
CA ARG A 252 -14.83 -4.51 8.01
C ARG A 252 -15.03 -3.06 7.62
N ASP A 253 -14.45 -2.14 8.37
CA ASP A 253 -14.72 -0.73 8.22
C ASP A 253 -13.58 0.06 8.87
N MET A 254 -13.77 1.38 8.98
CA MET A 254 -12.70 2.24 9.49
C MET A 254 -12.35 1.88 10.93
N MET A 255 -13.31 1.40 11.71
CA MET A 255 -13.05 1.11 13.12
C MET A 255 -11.96 0.06 13.27
N ASP A 256 -12.10 -1.08 12.58
CA ASP A 256 -11.12 -2.15 12.71
C ASP A 256 -9.74 -1.68 12.27
N ALA A 257 -9.66 -0.99 11.13
CA ALA A 257 -8.37 -0.51 10.63
C ALA A 257 -7.64 0.31 11.69
N PHE A 258 -8.37 1.08 12.48
CA PHE A 258 -7.74 1.85 13.54
C PHE A 258 -7.29 0.93 14.68
N ILE A 259 -8.08 -0.10 14.99
CA ILE A 259 -7.66 -1.06 16.01
C ILE A 259 -6.44 -1.83 15.55
N HIS A 260 -6.44 -2.28 14.29
CA HIS A 260 -5.31 -3.04 13.78
C HIS A 260 -4.02 -2.22 13.85
N THR A 261 -4.11 -0.91 13.63
CA THR A 261 -2.95 -0.03 13.67
C THR A 261 -2.61 0.45 15.07
N VAL A 262 -2.95 -0.32 16.09
CA VAL A 262 -2.62 0.02 17.47
C VAL A 262 -2.27 -1.23 18.25
N PRO A 275 6.23 8.13 21.42
CA PRO A 275 5.17 8.17 22.43
C PRO A 275 4.10 7.10 22.20
N ARG A 276 3.35 6.78 23.26
CA ARG A 276 2.33 5.76 23.21
C ARG A 276 0.94 6.41 23.22
N LEU A 277 0.00 5.77 22.55
CA LEU A 277 -1.38 6.24 22.49
C LEU A 277 -2.26 5.40 23.39
N ASP A 278 -3.02 6.06 24.26
CA ASP A 278 -4.00 5.35 25.05
C ASP A 278 -5.01 4.67 24.14
N LEU A 279 -5.38 3.44 24.47
CA LEU A 279 -6.33 2.71 23.64
C LEU A 279 -7.62 3.48 23.42
N GLU A 280 -7.92 4.44 24.29
CA GLU A 280 -9.10 5.29 24.13
C GLU A 280 -8.98 6.25 22.95
N TYR A 281 -7.82 6.31 22.30
CA TYR A 281 -7.65 7.21 21.16
C TYR A 281 -8.35 6.71 19.91
N VAL A 282 -8.45 5.39 19.75
CA VAL A 282 -9.07 4.80 18.56
C VAL A 282 -10.48 5.36 18.39
N PRO A 283 -11.37 5.23 19.38
CA PRO A 283 -12.72 5.80 19.21
C PRO A 283 -12.74 7.32 19.18
N ALA A 284 -11.72 7.99 19.73
CA ALA A 284 -11.70 9.45 19.70
C ALA A 284 -11.50 9.97 18.28
N THR A 285 -10.66 9.30 17.49
CA THR A 285 -10.42 9.76 16.13
C THR A 285 -11.61 9.41 15.22
N VAL A 286 -12.30 8.30 15.50
CA VAL A 286 -13.45 7.92 14.68
C VAL A 286 -14.60 8.89 14.90
N THR A 287 -14.73 9.45 16.11
CA THR A 287 -15.73 10.47 16.35
C THR A 287 -15.46 11.72 15.53
N ASP A 288 -14.19 12.02 15.26
CA ASP A 288 -13.85 13.15 14.40
C ASP A 288 -14.03 12.81 12.92
N ILE A 289 -13.57 11.62 12.51
CA ILE A 289 -13.72 11.22 11.12
C ILE A 289 -15.19 11.29 10.70
N PHE A 290 -16.10 10.95 11.62
CA PHE A 290 -17.52 11.03 11.29
C PHE A 290 -17.98 12.48 11.26
N GLY A 291 -17.81 13.21 12.36
CA GLY A 291 -18.29 14.58 12.42
C GLY A 291 -17.69 15.48 11.34
N ALA A 292 -16.49 15.16 10.88
CA ALA A 292 -15.85 16.00 9.87
C ALA A 292 -16.47 15.82 8.49
N SER A 293 -16.75 14.58 8.11
CA SER A 293 -17.26 14.30 6.77
C SER A 293 -18.68 14.80 6.56
N GLN A 294 -19.42 15.11 7.63
CA GLN A 294 -20.84 15.39 7.51
C GLN A 294 -21.12 16.70 6.81
N ASP A 295 -20.95 17.82 7.51
CA ASP A 295 -21.41 19.10 6.99
C ASP A 295 -20.73 19.48 5.68
N THR A 296 -19.51 19.01 5.45
CA THR A 296 -18.80 19.39 4.23
C THR A 296 -19.32 18.60 3.03
N LEU A 297 -19.31 17.27 3.12
CA LEU A 297 -19.76 16.46 1.99
C LEU A 297 -21.20 16.79 1.60
N SER A 298 -22.05 17.08 2.59
CA SER A 298 -23.40 17.52 2.31
C SER A 298 -23.38 18.78 1.46
N THR A 299 -22.78 19.85 1.99
CA THR A 299 -22.66 21.09 1.22
C THR A 299 -22.01 20.84 -0.12
N ALA A 300 -21.01 19.96 -0.17
CA ALA A 300 -20.35 19.65 -1.43
C ALA A 300 -21.37 19.18 -2.48
N LEU A 301 -22.23 18.24 -2.09
CA LEU A 301 -23.23 17.75 -3.02
C LEU A 301 -24.27 18.83 -3.33
N GLN A 302 -24.65 19.61 -2.33
CA GLN A 302 -25.61 20.69 -2.58
C GLN A 302 -25.12 21.64 -3.66
N TRP A 303 -23.81 21.93 -3.65
CA TRP A 303 -23.25 22.80 -4.69
C TRP A 303 -23.19 22.07 -6.02
N LEU A 304 -22.72 20.82 -6.02
CA LEU A 304 -22.62 20.07 -7.27
C LEU A 304 -23.98 19.92 -7.94
N LEU A 305 -25.06 19.96 -7.16
CA LEU A 305 -26.40 19.85 -7.73
C LEU A 305 -26.89 21.18 -8.27
N ILE A 306 -26.93 22.21 -7.41
CA ILE A 306 -27.40 23.52 -7.84
C ILE A 306 -26.57 24.04 -9.00
N LEU A 307 -25.35 23.55 -9.17
CA LEU A 307 -24.53 23.97 -10.31
C LEU A 307 -24.96 23.28 -11.60
N PHE A 308 -25.33 22.00 -11.51
CA PHE A 308 -25.84 21.30 -12.69
C PHE A 308 -27.06 22.01 -13.27
N THR A 309 -27.85 22.67 -12.42
CA THR A 309 -29.09 23.30 -12.86
C THR A 309 -28.86 24.70 -13.40
N ARG A 310 -27.93 25.45 -12.81
CA ARG A 310 -27.66 26.81 -13.27
C ARG A 310 -26.77 26.85 -14.50
N TYR A 311 -26.11 25.75 -14.86
CA TYR A 311 -25.22 25.68 -16.01
C TYR A 311 -25.54 24.39 -16.77
N PRO A 312 -26.59 24.40 -17.60
CA PRO A 312 -26.95 23.18 -18.33
C PRO A 312 -25.97 22.79 -19.42
N GLU A 313 -25.23 23.74 -19.99
CA GLU A 313 -24.23 23.40 -21.00
C GLU A 313 -23.18 22.45 -20.42
N VAL A 314 -22.61 22.82 -19.27
CA VAL A 314 -21.58 21.99 -18.66
C VAL A 314 -22.16 20.66 -18.21
N GLN A 315 -23.40 20.67 -17.70
CA GLN A 315 -24.04 19.42 -17.34
C GLN A 315 -24.09 18.46 -18.53
N ALA A 316 -24.44 19.00 -19.71
CA ALA A 316 -24.42 18.18 -20.92
C ALA A 316 -23.03 17.61 -21.18
N ARG A 317 -22.03 18.49 -21.26
CA ARG A 317 -20.66 18.04 -21.50
C ARG A 317 -20.27 16.97 -20.49
N VAL A 318 -20.66 17.13 -19.22
CA VAL A 318 -20.44 16.07 -18.24
C VAL A 318 -21.21 14.82 -18.66
N GLN A 319 -22.46 15.00 -19.09
CA GLN A 319 -23.28 13.85 -19.45
C GLN A 319 -22.74 13.14 -20.68
N GLU A 320 -22.29 13.90 -21.69
CA GLU A 320 -21.70 13.28 -22.87
C GLU A 320 -20.49 12.42 -22.50
N GLU A 321 -19.59 12.97 -21.67
CA GLU A 321 -18.34 12.27 -21.38
C GLU A 321 -18.55 10.95 -20.66
N LEU A 322 -19.66 10.79 -19.94
CA LEU A 322 -19.89 9.51 -19.26
C LEU A 322 -20.39 8.44 -20.22
N ASP A 323 -21.30 8.81 -21.12
CA ASP A 323 -21.81 7.84 -22.09
C ASP A 323 -20.72 7.39 -23.06
N ARG A 324 -19.77 8.27 -23.36
CA ARG A 324 -18.74 7.95 -24.34
C ARG A 324 -17.75 6.94 -23.81
N VAL A 325 -17.33 7.07 -22.55
CA VAL A 325 -16.29 6.23 -21.98
C VAL A 325 -16.87 5.05 -21.21
N VAL A 326 -17.93 5.27 -20.43
CA VAL A 326 -18.46 4.23 -19.56
C VAL A 326 -19.47 3.36 -20.28
N GLY A 327 -20.39 3.97 -21.02
CA GLY A 327 -21.47 3.26 -21.66
C GLY A 327 -22.77 3.37 -20.88
N ARG A 328 -23.81 2.77 -21.44
CA ARG A 328 -25.15 2.88 -20.88
C ARG A 328 -25.61 1.60 -20.16
N ASP A 329 -24.84 0.52 -20.24
CA ASP A 329 -25.25 -0.74 -19.64
C ASP A 329 -24.71 -0.95 -18.24
N ARG A 330 -23.80 -0.10 -17.77
CA ARG A 330 -23.26 -0.21 -16.42
C ARG A 330 -23.11 1.18 -15.83
N LEU A 331 -22.91 1.23 -14.51
CA LEU A 331 -22.71 2.48 -13.81
C LEU A 331 -21.24 2.85 -13.76
N PRO A 332 -20.91 4.13 -13.57
CA PRO A 332 -19.51 4.52 -13.42
C PRO A 332 -18.88 3.90 -12.18
N CYS A 333 -17.56 3.74 -12.24
CA CYS A 333 -16.78 3.26 -11.11
C CYS A 333 -15.47 4.05 -11.07
N MET A 334 -14.73 3.89 -9.96
CA MET A 334 -13.50 4.67 -9.79
C MET A 334 -12.50 4.36 -10.87
N ASP A 335 -12.46 3.13 -11.37
CA ASP A 335 -11.48 2.77 -12.41
C ASP A 335 -11.67 3.58 -13.69
N ASP A 336 -12.74 4.37 -13.79
CA ASP A 336 -12.94 5.26 -14.91
C ASP A 336 -12.50 6.70 -14.62
N GLN A 337 -12.19 7.01 -13.37
CA GLN A 337 -11.80 8.37 -13.02
C GLN A 337 -10.65 8.89 -13.88
N PRO A 338 -9.60 8.14 -14.16
CA PRO A 338 -8.57 8.65 -15.09
C PRO A 338 -9.13 8.94 -16.47
N HIS A 339 -10.04 8.10 -16.96
CA HIS A 339 -10.63 8.29 -18.28
C HIS A 339 -11.80 9.26 -18.27
N LEU A 340 -11.96 10.04 -17.20
CA LEU A 340 -13.05 11.02 -17.07
C LEU A 340 -12.45 12.37 -16.71
N PRO A 341 -11.76 13.02 -17.67
CA PRO A 341 -11.09 14.27 -17.32
C PRO A 341 -12.05 15.39 -16.98
N TYR A 342 -13.18 15.49 -17.70
CA TYR A 342 -14.09 16.61 -17.47
C TYR A 342 -14.85 16.46 -16.16
N VAL A 343 -15.27 15.24 -15.83
CA VAL A 343 -16.04 15.03 -14.60
C VAL A 343 -15.30 15.59 -13.39
N MET A 344 -14.00 15.33 -13.30
CA MET A 344 -13.22 15.85 -12.18
C MET A 344 -12.98 17.35 -12.33
N ALA A 345 -12.73 17.80 -13.56
CA ALA A 345 -12.63 19.24 -13.80
C ALA A 345 -13.86 19.96 -13.27
N PHE A 346 -15.05 19.41 -13.54
CA PHE A 346 -16.26 19.97 -12.96
C PHE A 346 -16.21 19.95 -11.44
N LEU A 347 -15.66 18.88 -10.86
CA LEU A 347 -15.54 18.80 -9.40
C LEU A 347 -14.58 19.86 -8.88
N TYR A 348 -13.36 19.90 -9.41
CA TYR A 348 -12.35 20.80 -8.88
C TYR A 348 -12.76 22.26 -8.98
N GLU A 349 -13.47 22.62 -10.05
CA GLU A 349 -13.89 24.01 -10.21
C GLU A 349 -15.16 24.32 -9.43
N ALA A 350 -15.99 23.31 -9.15
CA ALA A 350 -17.09 23.50 -8.21
C ALA A 350 -16.57 23.84 -6.82
N MET A 351 -15.50 23.17 -6.40
CA MET A 351 -14.90 23.48 -5.10
C MET A 351 -14.28 24.86 -5.10
N ARG A 352 -13.65 25.25 -6.21
CA ARG A 352 -13.03 26.57 -6.28
C ARG A 352 -14.07 27.68 -6.27
N PHE A 353 -15.11 27.54 -7.11
CA PHE A 353 -16.14 28.58 -7.19
C PHE A 353 -16.82 28.78 -5.84
N SER A 354 -17.35 27.69 -5.27
CA SER A 354 -18.08 27.81 -4.02
C SER A 354 -17.15 28.18 -2.87
N SER A 355 -16.05 27.46 -2.74
CA SER A 355 -15.17 27.60 -1.57
C SER A 355 -15.99 27.46 -0.30
N PHE A 356 -16.85 26.45 -0.26
CA PHE A 356 -17.81 26.29 0.83
C PHE A 356 -17.12 26.11 2.17
N VAL A 357 -15.80 25.95 2.20
CA VAL A 357 -15.02 26.07 3.42
C VAL A 357 -14.18 27.35 3.28
N PRO A 358 -14.75 28.53 3.50
CA PRO A 358 -13.98 29.76 3.27
C PRO A 358 -12.80 29.92 4.21
N VAL A 359 -13.00 29.66 5.50
CA VAL A 359 -11.94 29.78 6.50
C VAL A 359 -11.78 28.42 7.18
N THR A 360 -10.54 27.95 7.27
CA THR A 360 -10.26 26.68 7.92
C THR A 360 -10.44 26.80 9.43
N ILE A 361 -10.21 25.70 10.12
CA ILE A 361 -10.22 25.72 11.59
C ILE A 361 -9.12 26.66 12.08
N PRO A 362 -9.39 27.55 13.03
CA PRO A 362 -8.36 28.52 13.45
C PRO A 362 -7.09 27.81 13.91
N HIS A 363 -5.96 28.33 13.44
CA HIS A 363 -4.66 27.82 13.85
C HIS A 363 -4.10 28.64 15.02
N ALA A 364 -3.05 28.10 15.64
CA ALA A 364 -2.30 28.79 16.68
C ALA A 364 -0.83 28.52 16.46
N THR A 365 0.00 29.50 16.78
CA THR A 365 1.43 29.40 16.53
C THR A 365 2.11 28.58 17.62
N THR A 366 2.96 27.64 17.19
CA THR A 366 3.69 26.80 18.13
C THR A 366 4.83 27.56 18.80
N ALA A 367 5.40 28.55 18.13
CA ALA A 367 6.51 29.32 18.66
C ALA A 367 6.42 30.75 18.11
N ASP A 368 7.47 31.52 18.32
CA ASP A 368 7.58 32.83 17.70
C ASP A 368 8.13 32.66 16.29
N THR A 369 7.60 33.46 15.37
CA THR A 369 7.99 33.36 13.97
C THR A 369 7.73 34.71 13.30
N SER A 370 8.20 34.82 12.06
CA SER A 370 8.00 36.01 11.25
C SER A 370 7.54 35.62 9.85
N ILE A 371 6.54 36.34 9.35
CA ILE A 371 6.02 36.14 8.00
C ILE A 371 5.89 37.50 7.34
N MET A 372 6.34 37.60 6.08
CA MET A 372 6.26 38.84 5.32
C MET A 372 6.83 40.02 6.10
N GLY A 373 7.84 39.77 6.94
CA GLY A 373 8.53 40.81 7.66
C GLY A 373 7.95 41.14 9.02
N TYR A 374 6.81 40.54 9.37
CA TYR A 374 6.12 40.83 10.62
C TYR A 374 6.49 39.83 11.70
N HIS A 375 6.44 40.29 12.94
CA HIS A 375 6.70 39.44 14.10
C HIS A 375 5.39 38.81 14.57
N ILE A 376 5.46 37.53 14.91
CA ILE A 376 4.28 36.78 15.34
C ILE A 376 4.61 36.12 16.68
N PRO A 377 4.00 36.55 17.79
CA PRO A 377 4.25 35.87 19.07
C PRO A 377 3.55 34.52 19.13
N LYS A 378 3.95 33.73 20.12
CA LYS A 378 3.40 32.39 20.30
C LYS A 378 1.98 32.45 20.84
N ASP A 379 1.27 31.33 20.69
CA ASP A 379 -0.09 31.17 21.25
C ASP A 379 -1.04 32.23 20.72
N THR A 380 -0.81 32.70 19.49
CA THR A 380 -1.67 33.69 18.86
C THR A 380 -2.60 33.00 17.86
N VAL A 381 -3.89 33.35 17.91
CA VAL A 381 -4.85 32.77 17.01
C VAL A 381 -4.63 33.32 15.61
N VAL A 382 -4.72 32.45 14.59
CA VAL A 382 -4.50 32.85 13.21
C VAL A 382 -5.49 32.10 12.32
N PHE A 383 -6.28 32.85 11.55
CA PHE A 383 -7.19 32.27 10.57
C PHE A 383 -6.47 32.05 9.24
N VAL A 384 -7.08 31.25 8.39
CA VAL A 384 -6.56 30.93 7.06
C VAL A 384 -7.71 31.08 6.07
N ASN A 385 -7.62 32.08 5.20
CA ASN A 385 -8.70 32.40 4.27
C ASN A 385 -8.48 31.65 2.96
N GLN A 386 -9.09 30.48 2.83
CA GLN A 386 -9.02 29.72 1.60
C GLN A 386 -9.77 30.40 0.46
N TRP A 387 -10.75 31.25 0.78
CA TRP A 387 -11.54 31.92 -0.25
C TRP A 387 -10.68 32.89 -1.05
N SER A 388 -9.68 33.50 -0.41
CA SER A 388 -8.80 34.44 -1.10
C SER A 388 -7.88 33.76 -2.10
N VAL A 389 -7.56 32.48 -1.87
CA VAL A 389 -6.68 31.78 -2.79
C VAL A 389 -7.44 31.32 -4.03
N ASN A 390 -8.75 31.11 -3.92
CA ASN A 390 -9.55 30.59 -5.01
C ASN A 390 -10.20 31.69 -5.83
N HIS A 391 -10.05 32.95 -5.43
CA HIS A 391 -10.64 34.07 -6.16
C HIS A 391 -9.65 35.22 -6.34
N ASP A 392 -8.36 34.95 -6.20
CA ASP A 392 -7.35 35.95 -6.52
C ASP A 392 -7.30 36.13 -8.03
N PRO A 393 -7.65 37.32 -8.56
CA PRO A 393 -7.76 37.44 -10.02
C PRO A 393 -6.51 37.04 -10.79
N VAL A 394 -5.32 37.24 -10.22
CA VAL A 394 -4.09 36.85 -10.91
C VAL A 394 -4.08 35.35 -11.16
N LYS A 395 -4.34 34.56 -10.12
CA LYS A 395 -4.37 33.11 -10.26
C LYS A 395 -5.50 32.70 -11.19
N TRP A 396 -6.74 32.99 -10.80
CA TRP A 396 -7.90 32.63 -11.59
C TRP A 396 -8.40 33.84 -12.35
N PRO A 397 -8.18 33.93 -13.67
CA PRO A 397 -8.38 35.22 -14.36
C PRO A 397 -9.75 35.83 -14.12
N ASN A 398 -10.80 35.09 -14.46
CA ASN A 398 -12.16 35.53 -14.15
C ASN A 398 -12.63 34.79 -12.91
N PRO A 399 -12.57 35.40 -11.72
CA PRO A 399 -12.80 34.65 -10.48
C PRO A 399 -14.24 34.21 -10.25
N GLU A 400 -15.21 35.10 -10.45
CA GLU A 400 -16.60 34.81 -10.15
C GLU A 400 -17.33 34.13 -11.30
N ASP A 401 -16.60 33.63 -12.30
CA ASP A 401 -17.19 32.94 -13.43
C ASP A 401 -16.96 31.44 -13.30
N PHE A 402 -18.00 30.66 -13.52
CA PHE A 402 -17.94 29.21 -13.37
C PHE A 402 -17.59 28.60 -14.73
N ASN A 403 -16.37 28.09 -14.85
CA ASN A 403 -15.88 27.50 -16.09
C ASN A 403 -14.97 26.32 -15.75
N PRO A 404 -15.48 25.09 -15.79
CA PRO A 404 -14.63 23.94 -15.46
C PRO A 404 -13.48 23.72 -16.45
N ALA A 405 -13.50 24.36 -17.62
CA ALA A 405 -12.43 24.15 -18.59
C ALA A 405 -11.08 24.65 -18.10
N ARG A 406 -11.03 25.38 -16.98
CA ARG A 406 -9.74 25.84 -16.46
C ARG A 406 -8.78 24.67 -16.27
N PHE A 407 -9.24 23.63 -15.58
CA PHE A 407 -8.36 22.51 -15.25
C PHE A 407 -8.20 21.55 -16.41
N LEU A 408 -8.89 21.81 -17.53
CA LEU A 408 -8.71 21.07 -18.78
C LEU A 408 -7.96 22.01 -19.72
N ASP A 409 -6.67 21.78 -19.87
CA ASP A 409 -5.86 22.58 -20.79
C ASP A 409 -5.79 21.81 -22.11
N LYS A 410 -6.41 22.39 -23.14
CA LYS A 410 -6.76 21.65 -24.35
C LYS A 410 -5.54 21.15 -25.13
N ASN A 411 -4.38 21.78 -24.96
CA ASN A 411 -3.20 21.32 -25.67
C ASN A 411 -2.98 19.83 -25.48
N GLY A 412 -3.22 19.34 -24.26
CA GLY A 412 -3.21 17.91 -24.00
C GLY A 412 -4.61 17.32 -23.92
N PHE A 413 -5.62 18.19 -23.91
CA PHE A 413 -7.03 17.81 -23.88
C PHE A 413 -7.35 16.81 -22.77
N ILE A 414 -6.44 16.65 -21.83
CA ILE A 414 -6.63 15.78 -20.67
C ILE A 414 -6.50 16.65 -19.42
N ASN A 415 -6.96 16.09 -18.30
CA ASN A 415 -7.03 16.88 -17.07
C ASN A 415 -5.66 17.40 -16.66
N LYS A 416 -5.60 18.70 -16.37
CA LYS A 416 -4.36 19.34 -15.95
C LYS A 416 -4.27 19.35 -14.43
N ASP A 417 -3.05 19.23 -13.91
CA ASP A 417 -2.80 19.10 -12.48
C ASP A 417 -2.70 20.45 -11.76
N LEU A 418 -3.44 21.47 -12.20
CA LEU A 418 -3.53 22.70 -11.43
C LEU A 418 -4.44 22.55 -10.22
N ALA A 419 -5.38 21.60 -10.26
CA ALA A 419 -6.25 21.30 -9.13
C ALA A 419 -5.53 21.33 -7.79
N SER A 420 -4.31 20.83 -7.75
CA SER A 420 -3.56 20.83 -6.49
C SER A 420 -3.48 22.20 -5.85
N SER A 421 -3.62 23.27 -6.63
CA SER A 421 -3.57 24.63 -6.11
C SER A 421 -4.90 25.13 -5.60
N VAL A 422 -5.99 24.39 -5.80
CA VAL A 422 -7.28 24.79 -5.24
C VAL A 422 -7.25 24.61 -3.74
N MET A 423 -7.59 25.67 -3.00
CA MET A 423 -7.49 25.69 -1.55
C MET A 423 -8.89 25.45 -0.98
N ILE A 424 -9.13 24.23 -0.50
CA ILE A 424 -10.38 23.91 0.18
C ILE A 424 -10.09 22.86 1.25
N PHE A 425 -9.12 21.99 1.00
CA PHE A 425 -8.64 21.03 1.97
C PHE A 425 -7.48 21.57 2.81
N SER A 426 -7.13 22.84 2.64
CA SER A 426 -6.03 23.46 3.37
C SER A 426 -4.69 22.85 3.00
N VAL A 427 -3.63 23.29 3.68
CA VAL A 427 -2.27 22.87 3.37
C VAL A 427 -1.49 22.74 4.67
N GLY A 428 -0.34 22.10 4.59
CA GLY A 428 0.55 21.99 5.73
C GLY A 428 0.29 20.77 6.59
N LYS A 429 0.44 20.94 7.90
CA LYS A 429 0.39 19.82 8.84
C LYS A 429 -0.99 19.62 9.45
N ARG A 430 -1.94 20.51 9.18
CA ARG A 430 -3.32 20.33 9.60
C ARG A 430 -4.27 20.14 8.43
N ARG A 431 -3.74 19.87 7.24
CA ARG A 431 -4.59 19.68 6.08
C ARG A 431 -5.50 18.48 6.27
N CYS A 432 -6.64 18.50 5.57
CA CYS A 432 -7.63 17.45 5.72
C CYS A 432 -7.02 16.08 5.43
N ILE A 433 -7.27 15.14 6.34
CA ILE A 433 -6.83 13.76 6.11
C ILE A 433 -7.80 12.98 5.25
N GLY A 434 -8.96 13.55 4.95
CA GLY A 434 -9.94 12.88 4.11
C GLY A 434 -10.05 13.50 2.73
N GLU A 435 -8.98 14.18 2.28
CA GLU A 435 -8.98 14.78 0.95
C GLU A 435 -9.18 13.69 -0.11
N GLU A 436 -8.23 12.76 -0.21
CA GLU A 436 -8.32 11.73 -1.22
C GLU A 436 -9.49 10.79 -1.00
N LEU A 437 -10.18 10.89 0.14
CA LEU A 437 -11.38 10.10 0.39
C LEU A 437 -12.63 10.77 -0.16
N SER A 438 -12.82 12.06 0.14
CA SER A 438 -13.99 12.79 -0.33
C SER A 438 -13.93 13.09 -1.82
N LYS A 439 -12.74 13.02 -2.44
CA LYS A 439 -12.65 13.22 -3.88
C LYS A 439 -13.26 12.03 -4.62
N MET A 440 -12.87 10.81 -4.22
CA MET A 440 -13.49 9.62 -4.80
C MET A 440 -14.98 9.58 -4.51
N GLN A 441 -15.35 9.81 -3.24
CA GLN A 441 -16.75 9.80 -2.85
C GLN A 441 -17.57 10.74 -3.73
N LEU A 442 -17.15 12.01 -3.81
CA LEU A 442 -17.89 12.98 -4.61
C LEU A 442 -17.84 12.63 -6.09
N PHE A 443 -16.69 12.15 -6.57
CA PHE A 443 -16.58 11.76 -7.96
C PHE A 443 -17.61 10.68 -8.30
N LEU A 444 -17.74 9.67 -7.42
CA LEU A 444 -18.70 8.60 -7.66
C LEU A 444 -20.14 9.11 -7.59
N PHE A 445 -20.40 10.14 -6.77
CA PHE A 445 -21.76 10.63 -6.61
C PHE A 445 -22.25 11.35 -7.87
N ILE A 446 -21.55 12.42 -8.27
CA ILE A 446 -22.03 13.17 -9.43
C ILE A 446 -21.91 12.34 -10.70
N SER A 447 -20.95 11.42 -10.77
CA SER A 447 -20.84 10.58 -11.95
C SER A 447 -22.02 9.60 -12.06
N ILE A 448 -22.52 9.12 -10.91
CA ILE A 448 -23.74 8.31 -10.94
C ILE A 448 -24.95 9.21 -11.13
N LEU A 449 -24.98 10.35 -10.43
CA LEU A 449 -26.13 11.25 -10.53
C LEU A 449 -26.29 11.77 -11.96
N ALA A 450 -25.19 12.03 -12.66
CA ALA A 450 -25.25 12.56 -14.02
C ALA A 450 -25.37 11.48 -15.08
N HIS A 451 -24.95 10.24 -14.78
CA HIS A 451 -25.07 9.14 -15.71
C HIS A 451 -26.49 8.61 -15.82
N GLN A 452 -27.37 8.97 -14.88
CA GLN A 452 -28.71 8.41 -14.83
C GLN A 452 -29.82 9.44 -14.95
N CYS A 453 -29.62 10.67 -14.48
CA CYS A 453 -30.70 11.64 -14.36
C CYS A 453 -30.36 12.91 -15.11
N ASN A 454 -31.37 13.77 -15.24
CA ASN A 454 -31.26 15.08 -15.87
C ASN A 454 -31.78 16.12 -14.90
N PHE A 455 -30.91 17.01 -14.44
CA PHE A 455 -31.23 17.97 -13.39
C PHE A 455 -31.66 19.28 -14.04
N ARG A 456 -32.87 19.74 -13.71
CA ARG A 456 -33.40 20.99 -14.21
C ARG A 456 -33.66 21.94 -13.05
N ALA A 457 -33.33 23.20 -13.25
CA ALA A 457 -33.61 24.21 -12.24
C ALA A 457 -35.11 24.45 -12.13
N ASN A 458 -35.48 25.31 -11.20
CA ASN A 458 -36.86 25.78 -11.11
C ASN A 458 -36.95 27.15 -11.76
N PRO A 459 -37.85 27.36 -12.73
CA PRO A 459 -37.87 28.65 -13.45
C PRO A 459 -38.37 29.82 -12.61
N ASP A 460 -38.91 29.57 -11.42
CA ASP A 460 -39.48 30.63 -10.59
C ASP A 460 -38.52 31.11 -9.50
N GLU A 461 -37.34 30.51 -9.39
CA GLU A 461 -36.42 30.77 -8.27
C GLU A 461 -35.43 31.88 -8.56
N ASP A 462 -35.66 32.69 -9.59
CA ASP A 462 -34.89 33.90 -9.85
C ASP A 462 -33.41 33.61 -10.10
N SER A 463 -33.05 32.36 -10.40
CA SER A 463 -31.67 32.00 -10.64
C SER A 463 -30.80 32.57 -9.52
N LYS A 464 -29.61 33.05 -9.83
CA LYS A 464 -28.80 33.76 -8.85
C LYS A 464 -28.59 32.92 -7.60
N MET A 465 -27.58 32.05 -7.61
CA MET A 465 -27.29 31.23 -6.44
C MET A 465 -27.01 32.12 -5.23
N ASP A 466 -27.93 32.15 -4.28
CA ASP A 466 -27.79 32.95 -3.07
C ASP A 466 -27.24 32.08 -1.95
N PHE A 467 -26.27 32.60 -1.23
CA PHE A 467 -25.50 31.82 -0.26
C PHE A 467 -26.08 31.94 1.14
N SER A 468 -25.82 30.92 1.95
CA SER A 468 -26.15 30.92 3.38
C SER A 468 -24.87 30.70 4.15
N TYR A 469 -24.46 31.70 4.93
CA TYR A 469 -23.13 31.71 5.51
C TYR A 469 -23.14 31.03 6.88
N GLY A 470 -21.96 30.99 7.47
CA GLY A 470 -21.70 30.27 8.71
C GLY A 470 -20.95 28.99 8.36
N LEU A 471 -20.70 28.07 9.31
CA LEU A 471 -20.05 26.73 9.11
C LEU A 471 -19.25 26.44 7.84
N THR A 472 -19.97 26.42 6.74
CA THR A 472 -19.61 26.25 5.38
C THR A 472 -20.71 27.02 4.63
N ILE A 473 -20.40 27.47 3.45
CA ILE A 473 -21.27 28.22 2.55
C ILE A 473 -22.21 27.23 1.88
N LYS A 474 -23.43 27.08 2.43
CA LYS A 474 -24.44 26.27 1.75
C LYS A 474 -25.29 27.14 0.84
N PRO A 475 -25.64 26.67 -0.35
CA PRO A 475 -26.59 27.43 -1.17
C PRO A 475 -27.95 27.49 -0.50
N LYS A 476 -28.44 28.70 -0.31
CA LYS A 476 -29.72 28.87 0.37
C LYS A 476 -30.81 28.06 -0.34
N SER A 477 -31.84 27.73 0.42
CA SER A 477 -32.88 26.79 -0.01
C SER A 477 -33.21 26.95 -1.48
N PHE A 478 -33.19 25.84 -2.21
CA PHE A 478 -33.55 25.81 -3.62
C PHE A 478 -34.27 24.49 -3.89
N THR A 479 -34.81 24.36 -5.10
CA THR A 479 -35.50 23.14 -5.50
C THR A 479 -35.08 22.79 -6.92
N ILE A 480 -35.14 21.49 -7.23
CA ILE A 480 -34.73 20.97 -8.53
C ILE A 480 -35.70 19.86 -8.94
N ASN A 481 -35.72 19.57 -10.23
CA ASN A 481 -36.51 18.49 -10.80
C ASN A 481 -35.54 17.47 -11.41
N VAL A 482 -35.60 16.24 -10.94
CA VAL A 482 -34.68 15.19 -11.35
C VAL A 482 -35.46 14.13 -12.11
N THR A 483 -35.13 13.97 -13.40
CA THR A 483 -35.75 12.97 -14.25
C THR A 483 -34.67 12.09 -14.85
N LEU A 484 -35.08 10.87 -15.23
CA LEU A 484 -34.16 9.96 -15.91
C LEU A 484 -33.83 10.50 -17.30
N ARG A 485 -32.85 9.86 -17.93
CA ARG A 485 -32.36 10.30 -19.24
C ARG A 485 -32.07 9.07 -20.07
N SER A 486 -31.97 9.28 -21.38
CA SER A 486 -31.82 8.21 -22.34
C SER A 486 -30.73 8.54 -23.36
N THR A 487 -30.30 7.51 -24.08
CA THR A 487 -29.24 7.63 -25.07
C THR A 487 -29.49 6.69 -26.24
N PRO B 13 41.01 -5.79 -17.68
CA PRO B 13 40.75 -6.94 -16.80
C PRO B 13 41.76 -8.07 -17.00
N PRO B 14 42.25 -8.67 -15.91
CA PRO B 14 43.22 -9.76 -16.04
C PRO B 14 42.82 -10.77 -17.11
N GLY B 15 43.80 -11.15 -17.94
CA GLY B 15 43.52 -11.94 -19.11
C GLY B 15 42.76 -13.22 -18.79
N PRO B 16 41.89 -13.66 -19.70
CA PRO B 16 41.11 -14.88 -19.45
C PRO B 16 41.94 -16.07 -19.02
N PHE B 17 41.59 -16.65 -17.86
CA PHE B 17 42.17 -17.84 -17.27
C PHE B 17 41.26 -19.03 -17.53
N PRO B 18 41.78 -20.26 -17.63
CA PRO B 18 40.89 -21.41 -17.79
C PRO B 18 40.25 -21.75 -16.45
N TRP B 19 38.91 -21.83 -16.45
CA TRP B 19 38.20 -22.15 -15.22
C TRP B 19 38.48 -23.57 -14.74
N PRO B 20 38.34 -24.61 -15.58
CA PRO B 20 38.51 -25.99 -15.09
C PRO B 20 39.87 -26.24 -14.45
N PRO B 32 34.94 -24.78 -6.84
CA PRO B 32 33.89 -24.35 -7.79
C PRO B 32 33.70 -22.83 -7.72
N HIS B 33 32.71 -22.34 -6.97
CA HIS B 33 32.64 -20.91 -6.67
C HIS B 33 33.80 -20.46 -5.79
N LEU B 34 34.39 -21.39 -5.03
CA LEU B 34 35.54 -21.06 -4.21
C LEU B 34 36.75 -20.69 -5.06
N SER B 35 36.87 -21.30 -6.24
CA SER B 35 37.95 -20.95 -7.15
C SER B 35 37.93 -19.46 -7.48
N PHE B 36 36.73 -18.87 -7.56
CA PHE B 36 36.64 -17.44 -7.83
C PHE B 36 37.29 -16.63 -6.70
N ALA B 37 37.03 -17.02 -5.45
CA ALA B 37 37.70 -16.37 -4.34
C ALA B 37 39.19 -16.66 -4.35
N ARG B 38 39.59 -17.83 -4.87
CA ARG B 38 41.00 -18.15 -5.00
C ARG B 38 41.70 -17.19 -5.95
N LEU B 39 41.07 -16.90 -7.10
CA LEU B 39 41.67 -16.01 -8.07
C LEU B 39 41.59 -14.55 -7.65
N ALA B 40 40.66 -14.21 -6.75
CA ALA B 40 40.53 -12.82 -6.31
C ALA B 40 41.64 -12.42 -5.33
N ARG B 41 42.15 -13.37 -4.54
CA ARG B 41 43.27 -13.09 -3.65
C ARG B 41 44.58 -12.89 -4.42
N ARG B 42 44.59 -13.15 -5.72
CA ARG B 42 45.80 -13.14 -6.52
C ARG B 42 45.75 -12.15 -7.67
N TYR B 43 44.69 -12.19 -8.48
CA TYR B 43 44.59 -11.37 -9.68
C TYR B 43 43.65 -10.18 -9.52
N GLY B 44 43.11 -9.96 -8.33
CA GLY B 44 42.26 -8.80 -8.08
C GLY B 44 40.79 -9.18 -8.00
N ASP B 45 40.00 -8.21 -7.53
CA ASP B 45 38.57 -8.43 -7.37
C ASP B 45 37.89 -8.71 -8.71
N VAL B 46 38.46 -8.22 -9.81
CA VAL B 46 37.87 -8.38 -11.13
C VAL B 46 38.88 -9.10 -12.03
N PHE B 47 38.39 -9.99 -12.86
CA PHE B 47 39.24 -10.76 -13.77
C PHE B 47 38.35 -11.48 -14.78
N GLN B 48 38.99 -12.10 -15.76
CA GLN B 48 38.30 -12.86 -16.80
C GLN B 48 38.63 -14.35 -16.66
N ILE B 49 37.67 -15.18 -17.05
CA ILE B 49 37.86 -16.62 -17.16
C ILE B 49 37.29 -17.07 -18.50
N ARG B 50 37.82 -18.17 -19.03
CA ARG B 50 37.35 -18.74 -20.28
C ARG B 50 36.40 -19.89 -19.97
N LEU B 51 35.16 -19.75 -20.38
CA LEU B 51 34.13 -20.79 -20.21
C LEU B 51 33.86 -21.39 -21.58
N GLY B 52 34.73 -22.31 -21.99
CA GLY B 52 34.64 -22.89 -23.31
C GLY B 52 34.72 -21.85 -24.40
N SER B 53 33.57 -21.50 -24.97
CA SER B 53 33.51 -20.50 -26.04
C SER B 53 33.43 -19.07 -25.48
N CYS B 54 32.56 -18.85 -24.50
CA CYS B 54 32.30 -17.49 -24.04
C CYS B 54 33.35 -17.06 -23.02
N PRO B 55 33.91 -15.85 -23.15
CA PRO B 55 34.70 -15.28 -22.05
C PRO B 55 33.79 -14.55 -21.07
N VAL B 56 34.11 -14.67 -19.78
CA VAL B 56 33.24 -14.20 -18.72
C VAL B 56 34.04 -13.42 -17.69
N VAL B 57 33.40 -12.39 -17.14
CA VAL B 57 33.98 -11.59 -16.07
C VAL B 57 33.40 -12.06 -14.74
N VAL B 58 34.16 -11.87 -13.67
CA VAL B 58 33.76 -12.29 -12.33
C VAL B 58 33.89 -11.10 -11.40
N LEU B 59 32.85 -10.83 -10.62
CA LEU B 59 32.84 -9.77 -9.62
C LEU B 59 32.76 -10.43 -8.25
N ASN B 60 33.73 -10.15 -7.39
CA ASN B 60 33.87 -10.84 -6.12
C ASN B 60 33.67 -9.94 -4.91
N GLY B 61 34.08 -8.68 -4.96
CA GLY B 61 33.96 -7.79 -3.83
C GLY B 61 32.60 -7.12 -3.77
N GLU B 62 32.17 -6.80 -2.55
CA GLU B 62 30.98 -5.96 -2.40
C GLU B 62 31.14 -4.63 -3.12
N ARG B 63 32.37 -4.13 -3.22
CA ARG B 63 32.63 -2.90 -3.97
C ARG B 63 32.45 -3.14 -5.46
N ALA B 64 33.05 -4.22 -5.98
CA ALA B 64 32.93 -4.51 -7.40
C ALA B 64 31.51 -4.85 -7.80
N ILE B 65 30.72 -5.37 -6.86
CA ILE B 65 29.34 -5.78 -7.15
C ILE B 65 28.37 -4.62 -6.97
N ARG B 66 28.39 -3.97 -5.79
CA ARG B 66 27.53 -2.82 -5.57
C ARG B 66 27.74 -1.77 -6.67
N GLN B 67 28.99 -1.51 -7.05
CA GLN B 67 29.25 -0.54 -8.11
C GLN B 67 28.62 -1.00 -9.43
N ALA B 68 28.78 -2.28 -9.76
CA ALA B 68 28.31 -2.76 -11.06
C ALA B 68 26.80 -2.91 -11.09
N LEU B 69 26.20 -3.38 -9.99
CA LEU B 69 24.78 -3.70 -10.01
C LEU B 69 23.89 -2.58 -9.49
N VAL B 70 24.40 -1.74 -8.59
CA VAL B 70 23.57 -0.68 -8.02
C VAL B 70 23.87 0.65 -8.70
N GLN B 71 25.11 1.11 -8.61
CA GLN B 71 25.48 2.39 -9.23
C GLN B 71 25.37 2.32 -10.74
N GLN B 72 26.07 1.36 -11.35
CA GLN B 72 26.01 1.13 -12.79
C GLN B 72 25.04 0.01 -13.13
N GLY B 73 23.93 -0.07 -12.39
CA GLY B 73 23.01 -1.18 -12.57
C GLY B 73 22.45 -1.25 -13.97
N ALA B 74 21.96 -0.13 -14.49
CA ALA B 74 21.39 -0.10 -15.83
C ALA B 74 22.37 -0.66 -16.88
N ALA B 75 23.67 -0.63 -16.58
CA ALA B 75 24.66 -1.15 -17.51
C ALA B 75 24.86 -2.65 -17.39
N PHE B 76 24.56 -3.23 -16.22
CA PHE B 76 24.73 -4.65 -15.97
C PHE B 76 23.39 -5.38 -15.82
N ALA B 77 22.30 -4.76 -16.28
CA ALA B 77 20.96 -5.31 -16.11
C ALA B 77 20.55 -6.23 -17.24
N GLY B 78 21.50 -6.77 -18.00
CA GLY B 78 21.20 -7.62 -19.12
C GLY B 78 21.39 -9.10 -18.81
N ARG B 79 20.81 -9.93 -19.67
CA ARG B 79 20.96 -11.37 -19.61
C ARG B 79 21.60 -11.88 -20.90
N PRO B 80 22.40 -12.93 -20.84
CA PRO B 80 22.94 -13.49 -22.08
C PRO B 80 21.84 -14.11 -22.91
N PRO B 81 22.00 -14.14 -24.23
CA PRO B 81 21.01 -14.85 -25.06
C PRO B 81 21.34 -16.33 -25.13
N PHE B 82 20.72 -17.13 -24.26
CA PHE B 82 21.10 -18.53 -24.19
C PHE B 82 19.98 -19.41 -24.75
N PRO B 83 20.33 -20.55 -25.35
CA PRO B 83 19.29 -21.49 -25.80
C PRO B 83 18.41 -22.01 -24.67
N SER B 84 19.00 -22.35 -23.52
CA SER B 84 18.20 -22.87 -22.42
C SER B 84 17.18 -21.84 -21.95
N PHE B 85 17.51 -20.55 -22.06
CA PHE B 85 16.67 -19.51 -21.49
C PHE B 85 15.31 -19.44 -22.19
N GLN B 86 15.32 -19.47 -23.52
CA GLN B 86 14.15 -19.00 -24.27
C GLN B 86 12.95 -19.92 -24.09
N VAL B 87 13.17 -21.23 -24.11
CA VAL B 87 12.05 -22.16 -24.00
C VAL B 87 11.28 -21.97 -22.70
N VAL B 88 11.92 -21.40 -21.67
CA VAL B 88 11.27 -21.24 -20.37
C VAL B 88 10.14 -20.23 -20.48
N SER B 89 8.97 -20.60 -19.96
CA SER B 89 7.81 -19.72 -19.90
C SER B 89 7.38 -19.24 -21.28
N GLY B 90 7.69 -20.01 -22.32
CA GLY B 90 7.31 -19.65 -23.67
C GLY B 90 7.97 -18.38 -24.16
N GLY B 91 9.31 -18.31 -24.02
CA GLY B 91 10.05 -17.19 -24.57
C GLY B 91 9.71 -15.84 -23.99
N ARG B 92 9.05 -15.80 -22.83
CA ARG B 92 8.65 -14.54 -22.20
C ARG B 92 9.05 -14.51 -20.72
N SER B 93 10.15 -15.17 -20.38
CA SER B 93 10.55 -15.27 -18.98
C SER B 93 11.13 -13.95 -18.49
N LEU B 94 10.73 -13.55 -17.27
CA LEU B 94 11.30 -12.36 -16.66
C LEU B 94 12.72 -12.62 -16.18
N ALA B 95 12.96 -13.80 -15.62
CA ALA B 95 14.28 -14.10 -15.08
C ALA B 95 15.33 -14.24 -16.18
N PHE B 96 14.92 -14.70 -17.36
CA PHE B 96 15.85 -14.94 -18.46
C PHE B 96 15.56 -14.06 -19.67
N GLY B 97 14.70 -13.05 -19.52
CA GLY B 97 14.39 -12.17 -20.63
C GLY B 97 15.47 -11.13 -20.86
N ARG B 98 15.59 -10.71 -22.12
CA ARG B 98 16.57 -9.70 -22.49
C ARG B 98 16.20 -8.36 -21.89
N TYR B 99 17.22 -7.54 -21.61
CA TYR B 99 16.97 -6.19 -21.11
C TYR B 99 16.39 -5.35 -22.23
N SER B 100 15.10 -5.04 -22.12
CA SER B 100 14.38 -4.31 -23.16
C SER B 100 13.35 -3.41 -22.51
N GLU B 101 12.77 -2.53 -23.31
CA GLU B 101 11.75 -1.62 -22.80
C GLU B 101 10.51 -2.39 -22.35
N ARG B 102 10.21 -3.52 -23.00
CA ARG B 102 9.10 -4.35 -22.53
C ARG B 102 9.47 -5.12 -21.27
N TRP B 103 10.74 -5.49 -21.14
CA TRP B 103 11.18 -6.17 -19.92
C TRP B 103 11.04 -5.26 -18.70
N LYS B 104 11.47 -4.00 -18.83
CA LYS B 104 11.33 -3.06 -17.72
C LYS B 104 9.89 -2.97 -17.25
N VAL B 105 8.94 -3.02 -18.19
CA VAL B 105 7.53 -3.01 -17.79
C VAL B 105 7.17 -4.34 -17.16
N GLN B 106 7.68 -5.45 -17.70
CA GLN B 106 7.38 -6.75 -17.14
C GLN B 106 7.84 -6.85 -15.70
N ARG B 107 9.03 -6.32 -15.39
CA ARG B 107 9.53 -6.38 -14.02
C ARG B 107 8.72 -5.46 -13.11
N ARG B 108 8.56 -4.20 -13.51
CA ARG B 108 7.92 -3.22 -12.65
C ARG B 108 6.56 -3.72 -12.18
N VAL B 109 5.75 -4.25 -13.10
CA VAL B 109 4.46 -4.80 -12.70
C VAL B 109 4.65 -6.08 -11.91
N ALA B 110 5.59 -6.93 -12.33
CA ALA B 110 5.84 -8.17 -11.61
C ALA B 110 6.29 -7.88 -10.18
N HIS B 111 7.26 -6.99 -10.04
CA HIS B 111 7.74 -6.64 -8.71
C HIS B 111 6.63 -6.01 -7.87
N SER B 112 5.88 -5.08 -8.47
CA SER B 112 4.82 -4.41 -7.71
C SER B 112 3.72 -5.39 -7.31
N THR B 113 3.35 -6.31 -8.21
CA THR B 113 2.29 -7.25 -7.91
C THR B 113 2.72 -8.24 -6.84
N VAL B 114 3.93 -8.81 -6.98
CA VAL B 114 4.40 -9.76 -5.99
C VAL B 114 4.59 -9.09 -4.65
N ARG B 115 5.19 -7.89 -4.64
CA ARG B 115 5.29 -7.13 -3.40
C ARG B 115 3.90 -6.82 -2.85
N ALA B 116 2.94 -6.55 -3.74
CA ALA B 116 1.58 -6.24 -3.29
C ALA B 116 0.94 -7.44 -2.61
N PHE B 117 1.14 -8.65 -3.15
CA PHE B 117 0.51 -9.83 -2.57
C PHE B 117 1.24 -10.29 -1.31
N SER B 118 2.57 -10.31 -1.33
CA SER B 118 3.33 -10.75 -0.17
C SER B 118 3.04 -9.86 1.03
N THR B 119 3.07 -8.54 0.81
CA THR B 119 2.88 -7.55 1.86
C THR B 119 2.02 -6.43 1.30
N GLY B 120 1.17 -5.86 2.16
CA GLY B 120 0.35 -4.72 1.79
C GLY B 120 -1.10 -4.83 2.21
N GLN B 121 -1.95 -5.48 1.42
CA GLN B 121 -3.33 -5.74 1.83
C GLN B 121 -3.36 -6.90 2.83
N PRO B 122 -3.54 -6.63 4.12
CA PRO B 122 -3.46 -7.71 5.13
C PRO B 122 -4.23 -8.97 4.77
N ARG B 123 -5.28 -8.87 3.96
CA ARG B 123 -6.01 -10.07 3.58
C ARG B 123 -5.10 -11.01 2.79
N SER B 124 -4.42 -10.49 1.77
CA SER B 124 -3.47 -11.32 1.04
C SER B 124 -2.42 -11.89 1.98
N ARG B 125 -2.03 -11.10 2.99
CA ARG B 125 -1.08 -11.58 3.99
C ARG B 125 -1.60 -12.83 4.72
N ARG B 126 -2.89 -12.85 5.06
CA ARG B 126 -3.45 -14.00 5.77
C ARG B 126 -3.46 -15.25 4.90
N VAL B 127 -4.02 -15.16 3.69
CA VAL B 127 -4.12 -16.34 2.84
C VAL B 127 -2.75 -16.99 2.63
N LEU B 128 -1.69 -16.19 2.57
CA LEU B 128 -0.35 -16.76 2.51
C LEU B 128 0.01 -17.40 3.84
N GLU B 129 -0.17 -16.66 4.94
CA GLU B 129 0.12 -17.22 6.26
C GLU B 129 -0.69 -18.49 6.50
N GLN B 130 -1.94 -18.53 6.05
CA GLN B 130 -2.75 -19.73 6.20
C GLN B 130 -2.19 -20.89 5.38
N HIS B 131 -1.79 -20.63 4.14
CA HIS B 131 -1.22 -21.69 3.32
C HIS B 131 0.13 -22.14 3.86
N VAL B 132 0.89 -21.23 4.48
CA VAL B 132 2.17 -21.62 5.07
C VAL B 132 1.93 -22.44 6.33
N LEU B 133 1.03 -21.99 7.20
CA LEU B 133 0.67 -22.78 8.36
C LEU B 133 0.27 -24.20 7.95
N GLY B 134 -0.78 -24.31 7.14
CA GLY B 134 -1.28 -25.60 6.70
C GLY B 134 -0.19 -26.57 6.30
N GLU B 135 0.67 -26.17 5.36
CA GLU B 135 1.75 -27.04 4.94
C GLU B 135 2.78 -27.23 6.04
N ALA B 136 2.96 -26.22 6.90
CA ALA B 136 3.90 -26.35 8.01
C ALA B 136 3.40 -27.37 9.02
N ARG B 137 2.09 -27.39 9.27
CA ARG B 137 1.53 -28.38 10.19
C ARG B 137 1.60 -29.78 9.58
N GLU B 138 1.39 -29.90 8.27
CA GLU B 138 1.60 -31.17 7.60
C GLU B 138 3.07 -31.59 7.67
N LEU B 139 3.99 -30.62 7.77
CA LEU B 139 5.41 -30.92 7.78
C LEU B 139 5.85 -31.47 9.14
N VAL B 140 5.43 -30.83 10.23
CA VAL B 140 5.75 -31.37 11.55
C VAL B 140 5.08 -32.73 11.73
N ARG B 141 3.91 -32.91 11.14
CA ARG B 141 3.24 -34.21 11.17
C ARG B 141 4.11 -35.29 10.56
N LEU B 142 4.49 -35.11 9.28
CA LEU B 142 5.29 -36.10 8.59
C LEU B 142 6.71 -36.19 9.13
N LEU B 143 7.20 -35.12 9.77
CA LEU B 143 8.55 -35.15 10.33
C LEU B 143 8.60 -35.97 11.62
N VAL B 144 7.58 -35.83 12.48
CA VAL B 144 7.56 -36.57 13.74
C VAL B 144 7.33 -38.05 13.48
N ARG B 145 6.26 -38.38 12.74
CA ARG B 145 5.99 -39.79 12.45
C ARG B 145 7.20 -40.47 11.81
N GLY B 146 7.88 -39.77 10.89
CA GLY B 146 9.07 -40.32 10.27
C GLY B 146 10.23 -40.52 11.22
N SER B 147 10.11 -40.02 12.46
CA SER B 147 11.13 -40.19 13.48
C SER B 147 10.62 -41.04 14.64
N ALA B 148 9.65 -41.92 14.37
CA ALA B 148 9.06 -42.74 15.42
C ALA B 148 10.12 -43.57 16.12
N GLY B 149 9.97 -43.72 17.44
CA GLY B 149 10.94 -44.44 18.24
C GLY B 149 12.24 -43.68 18.35
N GLY B 150 13.27 -44.15 17.66
CA GLY B 150 14.54 -43.46 17.58
C GLY B 150 15.01 -43.38 16.14
N ALA B 151 14.04 -43.43 15.22
CA ALA B 151 14.35 -43.52 13.80
C ALA B 151 14.77 -42.17 13.24
N PHE B 152 15.67 -42.22 12.26
CA PHE B 152 16.14 -41.05 11.54
C PHE B 152 15.63 -41.10 10.11
N LEU B 153 15.54 -39.93 9.48
CA LEU B 153 15.02 -39.85 8.12
C LEU B 153 15.68 -38.70 7.38
N ASP B 154 15.60 -38.76 6.04
CA ASP B 154 16.11 -37.69 5.20
C ASP B 154 15.02 -36.65 5.00
N PRO B 155 15.21 -35.41 5.43
CA PRO B 155 14.13 -34.41 5.31
C PRO B 155 14.07 -33.71 3.96
N ALA B 156 15.00 -33.99 3.04
CA ALA B 156 15.02 -33.26 1.78
C ALA B 156 13.74 -33.41 0.98
N PRO B 157 13.19 -34.62 0.77
CA PRO B 157 11.97 -34.74 -0.04
C PRO B 157 10.75 -34.12 0.61
N LEU B 158 10.77 -33.90 1.93
CA LEU B 158 9.63 -33.25 2.58
C LEU B 158 9.64 -31.75 2.33
N THR B 159 10.83 -31.14 2.30
CA THR B 159 10.93 -29.71 2.04
C THR B 159 10.50 -29.38 0.62
N VAL B 160 10.89 -30.20 -0.36
CA VAL B 160 10.48 -29.94 -1.74
C VAL B 160 8.98 -30.10 -1.89
N VAL B 161 8.38 -31.06 -1.18
CA VAL B 161 6.94 -31.24 -1.25
C VAL B 161 6.23 -30.07 -0.59
N ALA B 162 6.71 -29.66 0.59
CA ALA B 162 6.09 -28.52 1.28
C ALA B 162 6.23 -27.24 0.46
N VAL B 163 7.37 -27.07 -0.21
CA VAL B 163 7.59 -25.87 -1.00
C VAL B 163 6.71 -25.89 -2.24
N ALA B 164 6.61 -27.04 -2.91
CA ALA B 164 5.82 -27.12 -4.13
C ALA B 164 4.33 -26.89 -3.83
N ASN B 165 3.85 -27.43 -2.72
CA ASN B 165 2.43 -27.29 -2.39
C ASN B 165 2.11 -25.85 -2.01
N VAL B 166 2.97 -25.21 -1.22
CA VAL B 166 2.71 -23.83 -0.79
C VAL B 166 2.66 -22.91 -2.01
N MET B 167 3.67 -23.01 -2.88
CA MET B 167 3.72 -22.13 -4.04
C MET B 167 2.59 -22.43 -5.02
N SER B 168 2.10 -23.66 -5.04
CA SER B 168 0.90 -23.96 -5.81
C SER B 168 -0.31 -23.24 -5.23
N ALA B 169 -0.40 -23.18 -3.90
CA ALA B 169 -1.51 -22.47 -3.27
C ALA B 169 -1.40 -20.96 -3.50
N VAL B 170 -0.18 -20.45 -3.67
CA VAL B 170 -0.01 -19.02 -3.91
C VAL B 170 -0.22 -18.68 -5.38
N CYS B 171 0.21 -19.55 -6.28
CA CYS B 171 0.11 -19.29 -7.70
C CYS B 171 -1.24 -19.68 -8.28
N PHE B 172 -1.80 -20.81 -7.84
CA PHE B 172 -3.04 -21.34 -8.40
C PHE B 172 -4.14 -21.47 -7.35
N GLY B 173 -3.94 -20.95 -6.14
CA GLY B 173 -4.98 -20.99 -5.13
C GLY B 173 -5.15 -22.36 -4.49
N CYS B 174 -5.27 -23.40 -5.31
CA CYS B 174 -5.49 -24.75 -4.81
C CYS B 174 -4.24 -25.25 -4.10
N ARG B 175 -4.31 -25.47 -2.79
CA ARG B 175 -3.25 -26.13 -2.05
C ARG B 175 -3.55 -27.62 -2.10
N TYR B 176 -2.96 -28.30 -3.07
CA TYR B 176 -3.31 -29.70 -3.32
C TYR B 176 -3.03 -30.56 -2.09
N SER B 177 -3.73 -31.68 -2.01
CA SER B 177 -3.40 -32.72 -1.05
C SER B 177 -2.25 -33.53 -1.61
N HIS B 178 -1.35 -33.96 -0.72
CA HIS B 178 -0.12 -34.61 -1.15
C HIS B 178 -0.37 -35.80 -2.07
N ASP B 179 -1.57 -36.36 -2.05
CA ASP B 179 -1.90 -37.51 -2.88
C ASP B 179 -2.53 -37.13 -4.21
N ASP B 180 -2.97 -35.88 -4.38
CA ASP B 180 -3.58 -35.45 -5.62
C ASP B 180 -2.71 -35.81 -6.82
N ALA B 181 -3.34 -36.27 -7.89
CA ALA B 181 -2.60 -36.71 -9.07
C ALA B 181 -1.95 -35.54 -9.78
N GLU B 182 -2.66 -34.42 -9.91
CA GLU B 182 -2.09 -33.24 -10.55
C GLU B 182 -0.90 -32.72 -9.75
N PHE B 183 -0.99 -32.80 -8.41
CA PHE B 183 0.14 -32.37 -7.58
C PHE B 183 1.35 -33.27 -7.77
N ARG B 184 1.13 -34.57 -8.04
CA ARG B 184 2.26 -35.44 -8.34
C ARG B 184 2.95 -35.03 -9.63
N GLY B 185 2.21 -34.41 -10.56
CA GLY B 185 2.83 -33.93 -11.77
C GLY B 185 3.76 -32.75 -11.52
N LEU B 186 3.37 -31.87 -10.60
CA LEU B 186 4.25 -30.77 -10.20
C LEU B 186 5.55 -31.31 -9.61
N LEU B 187 5.45 -32.23 -8.65
CA LEU B 187 6.65 -32.86 -8.11
C LEU B 187 7.48 -33.50 -9.22
N SER B 188 6.81 -34.23 -10.12
CA SER B 188 7.52 -34.86 -11.22
C SER B 188 8.12 -33.84 -12.18
N HIS B 189 7.52 -32.64 -12.25
CA HIS B 189 8.09 -31.60 -13.11
C HIS B 189 9.36 -31.02 -12.49
N ASN B 190 9.31 -30.67 -11.21
CA ASN B 190 10.48 -30.07 -10.56
C ASN B 190 11.68 -31.03 -10.61
N GLU B 191 11.43 -32.32 -10.38
CA GLU B 191 12.51 -33.30 -10.40
C GLU B 191 13.20 -33.30 -11.75
N LYS B 192 12.47 -33.70 -12.81
CA LYS B 192 13.05 -33.70 -14.15
C LYS B 192 13.64 -32.34 -14.49
N PHE B 193 12.95 -31.26 -14.09
CA PHE B 193 13.44 -29.91 -14.36
C PHE B 193 14.87 -29.73 -13.87
N GLY B 194 15.07 -29.89 -12.55
CA GLY B 194 16.39 -29.75 -11.98
C GLY B 194 17.39 -30.77 -12.46
N ARG B 195 16.90 -31.90 -13.00
CA ARG B 195 17.80 -32.98 -13.43
C ARG B 195 18.38 -32.76 -14.82
N THR B 196 17.73 -31.95 -15.66
CA THR B 196 18.20 -31.73 -17.02
C THR B 196 18.69 -30.30 -17.28
N VAL B 197 18.43 -29.36 -16.36
CA VAL B 197 18.96 -28.01 -16.54
C VAL B 197 20.47 -28.04 -16.67
N GLY B 198 21.14 -28.96 -15.97
CA GLY B 198 22.58 -29.06 -16.10
C GLY B 198 23.02 -29.33 -17.52
N ALA B 199 22.39 -30.31 -18.17
CA ALA B 199 22.69 -30.57 -19.58
C ALA B 199 22.19 -29.45 -20.47
N GLY B 200 21.01 -28.91 -20.18
CA GLY B 200 20.49 -27.80 -20.96
C GLY B 200 21.41 -26.59 -20.92
N SER B 201 22.13 -26.40 -19.81
CA SER B 201 23.05 -25.27 -19.70
C SER B 201 24.34 -25.51 -20.46
N LEU B 202 24.77 -26.78 -20.59
CA LEU B 202 25.99 -27.07 -21.33
C LEU B 202 25.87 -26.62 -22.78
N VAL B 203 24.67 -26.74 -23.36
CA VAL B 203 24.47 -26.29 -24.74
C VAL B 203 24.74 -24.79 -24.86
N ASP B 204 24.53 -24.04 -23.77
CA ASP B 204 24.74 -22.59 -23.84
C ASP B 204 26.21 -22.24 -24.00
N VAL B 205 27.11 -23.08 -23.50
CA VAL B 205 28.55 -22.89 -23.67
C VAL B 205 29.16 -23.86 -24.67
N LEU B 206 28.45 -24.93 -25.04
CA LEU B 206 28.90 -25.89 -26.05
C LEU B 206 27.80 -26.06 -27.09
N PRO B 207 27.56 -25.04 -27.92
CA PRO B 207 26.46 -25.14 -28.89
C PRO B 207 26.66 -26.24 -29.91
N TRP B 208 27.89 -26.73 -30.08
CA TRP B 208 28.13 -27.81 -31.03
C TRP B 208 27.53 -29.13 -30.56
N LEU B 209 27.24 -29.27 -29.27
CA LEU B 209 26.66 -30.51 -28.77
C LEU B 209 25.31 -30.82 -29.41
N GLN B 210 24.54 -29.80 -29.77
CA GLN B 210 23.22 -30.04 -30.36
C GLN B 210 23.26 -30.35 -31.85
N ARG B 211 24.36 -30.04 -32.53
CA ARG B 211 24.45 -30.29 -33.97
C ARG B 211 24.63 -31.76 -34.30
N PHE B 212 24.75 -32.63 -33.31
CA PHE B 212 24.92 -34.06 -33.55
C PHE B 212 24.31 -34.82 -32.38
N PRO B 213 24.04 -36.11 -32.55
CA PRO B 213 23.38 -36.86 -31.46
C PRO B 213 24.34 -37.12 -30.31
N ASN B 214 23.83 -36.96 -29.09
CA ASN B 214 24.60 -37.23 -27.88
C ASN B 214 23.66 -37.19 -26.67
N PRO B 215 24.14 -37.59 -25.49
CA PRO B 215 23.24 -37.59 -24.33
C PRO B 215 22.81 -36.20 -23.88
N VAL B 216 23.70 -35.21 -23.98
CA VAL B 216 23.33 -33.86 -23.57
C VAL B 216 22.14 -33.37 -24.38
N ARG B 217 22.17 -33.56 -25.70
CA ARG B 217 21.05 -33.14 -26.53
C ARG B 217 19.76 -33.80 -26.09
N THR B 218 19.77 -35.14 -25.97
CA THR B 218 18.56 -35.84 -25.57
C THR B 218 18.02 -35.30 -24.24
N ALA B 219 18.91 -34.85 -23.36
CA ALA B 219 18.46 -34.25 -22.11
C ALA B 219 18.01 -32.81 -22.32
N PHE B 220 18.77 -32.04 -23.09
CA PHE B 220 18.37 -30.66 -23.38
C PHE B 220 16.99 -30.61 -24.00
N ARG B 221 16.70 -31.51 -24.94
CA ARG B 221 15.37 -31.56 -25.53
C ARG B 221 14.33 -31.90 -24.46
N ASP B 222 14.60 -32.95 -23.67
CA ASP B 222 13.70 -33.29 -22.56
C ASP B 222 13.48 -32.09 -21.66
N PHE B 223 14.49 -31.22 -21.51
CA PHE B 223 14.33 -30.01 -20.72
C PHE B 223 13.47 -28.99 -21.44
N GLN B 224 13.63 -28.88 -22.76
CA GLN B 224 12.84 -27.91 -23.52
C GLN B 224 11.37 -28.29 -23.54
N GLN B 225 11.08 -29.60 -23.66
CA GLN B 225 9.69 -30.04 -23.63
C GLN B 225 9.05 -29.83 -22.26
N LEU B 226 9.84 -29.91 -21.18
CA LEU B 226 9.30 -29.71 -19.84
C LEU B 226 8.71 -28.31 -19.70
N ASN B 227 9.50 -27.27 -20.03
CA ASN B 227 9.00 -25.91 -19.90
C ASN B 227 7.84 -25.64 -20.85
N ARG B 228 7.70 -26.44 -21.91
CA ARG B 228 6.51 -26.37 -22.74
C ARG B 228 5.33 -27.05 -22.05
N ASP B 229 5.53 -28.31 -21.65
CA ASP B 229 4.46 -29.02 -20.94
C ASP B 229 4.00 -28.24 -19.72
N PHE B 230 4.93 -27.59 -19.01
CA PHE B 230 4.55 -26.87 -17.80
C PHE B 230 3.98 -25.50 -18.12
N TYR B 231 4.49 -24.84 -19.15
CA TYR B 231 3.93 -23.54 -19.53
C TYR B 231 2.47 -23.69 -19.96
N SER B 232 2.16 -24.74 -20.73
CA SER B 232 0.78 -25.01 -21.08
C SER B 232 -0.06 -25.28 -19.84
N PHE B 233 0.50 -26.02 -18.87
CA PHE B 233 -0.20 -26.24 -17.61
C PHE B 233 -0.56 -24.92 -16.95
N VAL B 234 0.35 -23.94 -16.99
CA VAL B 234 0.08 -22.66 -16.36
C VAL B 234 -0.85 -21.82 -17.23
N LEU B 235 -0.73 -21.94 -18.56
CA LEU B 235 -1.67 -21.26 -19.44
C LEU B 235 -3.10 -21.71 -19.18
N ASP B 236 -3.29 -23.00 -18.89
CA ASP B 236 -4.62 -23.49 -18.57
C ASP B 236 -5.15 -22.84 -17.30
N LYS B 237 -4.38 -22.93 -16.22
CA LYS B 237 -4.80 -22.31 -14.96
C LYS B 237 -5.13 -20.83 -15.14
N PHE B 238 -4.41 -20.15 -16.03
CA PHE B 238 -4.66 -18.73 -16.25
C PHE B 238 -6.04 -18.51 -16.88
N LEU B 239 -6.33 -19.22 -17.97
CA LEU B 239 -7.63 -19.04 -18.62
C LEU B 239 -8.78 -19.35 -17.67
N ARG B 240 -8.75 -20.51 -17.04
CA ARG B 240 -9.85 -20.91 -16.15
C ARG B 240 -9.99 -19.94 -14.99
N HIS B 241 -8.90 -19.30 -14.56
CA HIS B 241 -9.00 -18.30 -13.51
C HIS B 241 -9.64 -17.01 -14.01
N ARG B 242 -9.24 -16.55 -15.20
CA ARG B 242 -9.73 -15.25 -15.66
C ARG B 242 -11.24 -15.28 -15.86
N SER B 243 -11.74 -16.32 -16.51
CA SER B 243 -13.18 -16.48 -16.74
C SER B 243 -13.80 -17.21 -15.55
N SER B 244 -13.79 -16.53 -14.42
CA SER B 244 -14.31 -17.08 -13.17
C SER B 244 -14.78 -15.94 -12.27
N LEU B 245 -13.87 -15.28 -11.57
CA LEU B 245 -14.21 -14.14 -10.73
C LEU B 245 -13.79 -12.86 -11.45
N ARG B 246 -14.77 -12.13 -11.99
CA ARG B 246 -14.52 -10.86 -12.64
C ARG B 246 -15.30 -9.70 -12.01
N PRO B 247 -15.78 -9.79 -10.76
CA PRO B 247 -16.39 -8.62 -10.13
C PRO B 247 -15.38 -7.66 -9.54
N GLY B 248 -14.10 -7.97 -9.63
CA GLY B 248 -13.06 -7.17 -9.03
C GLY B 248 -12.82 -7.44 -7.56
N ALA B 249 -13.26 -8.59 -7.06
CA ALA B 249 -13.11 -8.91 -5.65
C ALA B 249 -11.63 -9.13 -5.33
N ALA B 250 -11.35 -9.42 -4.05
CA ALA B 250 -9.99 -9.67 -3.59
C ALA B 250 -9.36 -10.78 -4.43
N PRO B 251 -8.04 -10.74 -4.65
CA PRO B 251 -7.39 -11.84 -5.38
C PRO B 251 -7.36 -13.13 -4.58
N ARG B 252 -7.92 -14.19 -5.17
CA ARG B 252 -7.88 -15.51 -4.53
C ARG B 252 -6.46 -15.99 -4.32
N ASP B 253 -5.56 -15.65 -5.25
CA ASP B 253 -4.19 -16.17 -5.26
C ASP B 253 -3.37 -15.24 -6.15
N MET B 254 -2.13 -15.65 -6.45
CA MET B 254 -1.23 -14.79 -7.21
C MET B 254 -1.74 -14.54 -8.62
N MET B 255 -2.48 -15.50 -9.19
CA MET B 255 -2.92 -15.35 -10.58
C MET B 255 -3.81 -14.12 -10.74
N ASP B 256 -4.82 -13.98 -9.89
CA ASP B 256 -5.75 -12.87 -10.02
C ASP B 256 -5.04 -11.53 -9.92
N ALA B 257 -4.14 -11.40 -8.92
CA ALA B 257 -3.43 -10.14 -8.75
C ALA B 257 -2.71 -9.73 -10.03
N PHE B 258 -2.18 -10.70 -10.77
CA PHE B 258 -1.52 -10.37 -12.02
C PHE B 258 -2.53 -9.98 -13.10
N ILE B 259 -3.70 -10.63 -13.11
CA ILE B 259 -4.76 -10.24 -14.04
C ILE B 259 -5.25 -8.83 -13.72
N HIS B 260 -5.47 -8.55 -12.43
CA HIS B 260 -5.94 -7.22 -12.04
C HIS B 260 -4.97 -6.14 -12.47
N THR B 261 -3.66 -6.43 -12.45
CA THR B 261 -2.64 -5.45 -12.79
C THR B 261 -2.37 -5.35 -14.29
N VAL B 262 -3.39 -5.62 -15.11
CA VAL B 262 -3.26 -5.49 -16.56
C VAL B 262 -4.57 -4.98 -17.15
N PRO B 275 5.51 1.25 -23.06
CA PRO B 275 5.10 0.12 -23.91
C PRO B 275 4.06 -0.76 -23.23
N ARG B 276 3.33 -1.54 -24.03
CA ARG B 276 2.27 -2.41 -23.54
C ARG B 276 2.73 -3.87 -23.57
N LEU B 277 2.18 -4.65 -22.65
CA LEU B 277 2.52 -6.06 -22.51
C LEU B 277 1.42 -6.91 -23.13
N ASP B 278 1.82 -7.85 -23.99
CA ASP B 278 0.87 -8.82 -24.51
C ASP B 278 0.25 -9.59 -23.36
N LEU B 279 -1.06 -9.84 -23.45
CA LEU B 279 -1.75 -10.52 -22.37
C LEU B 279 -1.10 -11.86 -22.02
N GLU B 280 -0.32 -12.43 -22.94
CA GLU B 280 0.39 -13.67 -22.66
C GLU B 280 1.53 -13.49 -21.67
N TYR B 281 1.84 -12.25 -21.26
CA TYR B 281 2.93 -12.05 -20.31
C TYR B 281 2.52 -12.46 -18.89
N VAL B 282 1.25 -12.31 -18.54
CA VAL B 282 0.78 -12.64 -17.20
C VAL B 282 1.11 -14.09 -16.88
N PRO B 283 0.66 -15.07 -17.68
CA PRO B 283 0.99 -16.46 -17.38
C PRO B 283 2.47 -16.78 -17.55
N ALA B 284 3.20 -16.01 -18.37
CA ALA B 284 4.62 -16.27 -18.54
C ALA B 284 5.40 -15.96 -17.26
N THR B 285 5.02 -14.89 -16.56
CA THR B 285 5.73 -14.53 -15.34
C THR B 285 5.37 -15.44 -14.18
N VAL B 286 4.13 -15.96 -14.16
CA VAL B 286 3.75 -16.87 -13.08
C VAL B 286 4.50 -18.19 -13.20
N THR B 287 4.81 -18.62 -14.42
CA THR B 287 5.64 -19.81 -14.58
C THR B 287 7.04 -19.60 -14.02
N ASP B 288 7.53 -18.36 -14.05
CA ASP B 288 8.83 -18.05 -13.45
C ASP B 288 8.72 -17.94 -11.93
N ILE B 289 7.70 -17.25 -11.44
CA ILE B 289 7.50 -17.12 -10.01
C ILE B 289 7.46 -18.48 -9.34
N PHE B 290 6.86 -19.47 -10.02
CA PHE B 290 6.80 -20.81 -9.46
C PHE B 290 8.16 -21.49 -9.54
N GLY B 291 8.70 -21.62 -10.75
CA GLY B 291 9.97 -22.32 -10.92
C GLY B 291 11.10 -21.72 -10.12
N ALA B 292 11.04 -20.41 -9.86
CA ALA B 292 12.12 -19.75 -9.12
C ALA B 292 12.06 -20.10 -7.64
N SER B 293 10.86 -20.11 -7.06
CA SER B 293 10.71 -20.36 -5.63
C SER B 293 11.03 -21.80 -5.25
N GLN B 294 11.05 -22.72 -6.21
CA GLN B 294 11.16 -24.14 -5.89
C GLN B 294 12.54 -24.51 -5.37
N ASP B 295 13.51 -24.61 -6.27
CA ASP B 295 14.82 -25.15 -5.89
C ASP B 295 15.48 -24.32 -4.80
N THR B 296 15.17 -23.02 -4.71
CA THR B 296 15.81 -22.17 -3.71
C THR B 296 15.22 -22.40 -2.32
N LEU B 297 13.90 -22.26 -2.19
CA LEU B 297 13.27 -22.44 -0.88
C LEU B 297 13.52 -23.83 -0.33
N SER B 298 13.59 -24.85 -1.19
CA SER B 298 13.94 -26.19 -0.74
C SER B 298 15.30 -26.18 -0.06
N THR B 299 16.34 -25.79 -0.80
CA THR B 299 17.67 -25.73 -0.23
C THR B 299 17.69 -24.86 1.04
N ALA B 300 16.93 -23.78 1.05
CA ALA B 300 16.89 -22.91 2.22
C ALA B 300 16.50 -23.68 3.47
N LEU B 301 15.42 -24.46 3.38
CA LEU B 301 14.96 -25.23 4.54
C LEU B 301 15.96 -26.32 4.91
N GLN B 302 16.55 -26.97 3.90
CA GLN B 302 17.53 -28.02 4.19
C GLN B 302 18.66 -27.48 5.05
N TRP B 303 19.09 -26.25 4.78
CA TRP B 303 20.13 -25.64 5.61
C TRP B 303 19.59 -25.26 6.98
N LEU B 304 18.40 -24.66 7.02
CA LEU B 304 17.81 -24.26 8.29
C LEU B 304 17.62 -25.46 9.21
N LEU B 305 17.46 -26.66 8.65
CA LEU B 305 17.31 -27.84 9.49
C LEU B 305 18.66 -28.38 9.94
N ILE B 306 19.54 -28.70 9.00
CA ILE B 306 20.86 -29.22 9.35
C ILE B 306 21.61 -28.26 10.25
N LEU B 307 21.25 -26.98 10.24
CA LEU B 307 21.89 -26.02 11.14
C LEU B 307 21.35 -26.15 12.55
N PHE B 308 20.05 -26.41 12.70
CA PHE B 308 19.49 -26.67 14.02
C PHE B 308 20.21 -27.85 14.69
N THR B 309 20.65 -28.83 13.89
CA THR B 309 21.25 -30.05 14.43
C THR B 309 22.75 -29.89 14.69
N ARG B 310 23.46 -29.17 13.82
CA ARG B 310 24.89 -28.98 14.01
C ARG B 310 25.20 -27.89 15.02
N TYR B 311 24.23 -27.03 15.33
CA TYR B 311 24.39 -25.95 16.31
C TYR B 311 23.16 -25.95 17.19
N PRO B 312 23.10 -26.85 18.18
CA PRO B 312 21.92 -26.88 19.07
C PRO B 312 21.85 -25.69 20.00
N GLU B 313 22.98 -25.03 20.27
CA GLU B 313 22.96 -23.84 21.11
C GLU B 313 22.01 -22.80 20.54
N VAL B 314 22.17 -22.49 19.25
CA VAL B 314 21.32 -21.48 18.61
C VAL B 314 19.88 -21.99 18.53
N GLN B 315 19.70 -23.29 18.26
CA GLN B 315 18.35 -23.84 18.23
C GLN B 315 17.63 -23.57 19.55
N ALA B 316 18.31 -23.81 20.67
CA ALA B 316 17.71 -23.54 21.98
C ALA B 316 17.27 -22.10 22.10
N ARG B 317 18.19 -21.15 21.87
CA ARG B 317 17.84 -19.74 21.94
C ARG B 317 16.61 -19.43 21.10
N VAL B 318 16.51 -20.06 19.92
CA VAL B 318 15.32 -19.87 19.09
C VAL B 318 14.07 -20.34 19.82
N GLN B 319 14.13 -21.53 20.46
CA GLN B 319 12.95 -22.03 21.14
C GLN B 319 12.61 -21.19 22.36
N GLU B 320 13.62 -20.79 23.14
CA GLU B 320 13.38 -19.93 24.28
C GLU B 320 12.70 -18.63 23.85
N GLU B 321 13.25 -17.97 22.84
CA GLU B 321 12.72 -16.69 22.42
C GLU B 321 11.31 -16.81 21.87
N LEU B 322 10.93 -18.00 21.38
CA LEU B 322 9.59 -18.19 20.85
C LEU B 322 8.56 -18.36 21.95
N ASP B 323 8.89 -19.17 22.97
CA ASP B 323 7.97 -19.35 24.09
C ASP B 323 7.80 -18.09 24.92
N ARG B 324 8.84 -17.25 24.98
CA ARG B 324 8.78 -16.06 25.81
C ARG B 324 7.82 -15.02 25.24
N VAL B 325 7.83 -14.83 23.93
CA VAL B 325 7.06 -13.79 23.29
C VAL B 325 5.73 -14.30 22.76
N VAL B 326 5.71 -15.49 22.17
CA VAL B 326 4.49 -16.01 21.54
C VAL B 326 3.61 -16.76 22.53
N GLY B 327 4.22 -17.63 23.32
CA GLY B 327 3.46 -18.48 24.23
C GLY B 327 3.27 -19.88 23.67
N ARG B 328 2.64 -20.72 24.48
CA ARG B 328 2.45 -22.13 24.14
C ARG B 328 1.03 -22.46 23.71
N ASP B 329 0.10 -21.52 23.79
CA ASP B 329 -1.30 -21.79 23.45
C ASP B 329 -1.65 -21.45 22.02
N ARG B 330 -0.75 -20.81 21.27
CA ARG B 330 -0.99 -20.46 19.88
C ARG B 330 0.28 -20.69 19.08
N LEU B 331 0.13 -20.70 17.76
CA LEU B 331 1.26 -20.81 16.86
C LEU B 331 1.79 -19.44 16.50
N PRO B 332 3.05 -19.33 16.07
CA PRO B 332 3.56 -18.03 15.64
C PRO B 332 2.78 -17.50 14.43
N CYS B 333 2.75 -16.18 14.32
CA CYS B 333 2.12 -15.50 13.19
C CYS B 333 3.00 -14.33 12.78
N MET B 334 2.65 -13.73 11.64
CA MET B 334 3.47 -12.64 11.11
C MET B 334 3.57 -11.48 12.09
N ASP B 335 2.51 -11.24 12.87
CA ASP B 335 2.53 -10.14 13.84
C ASP B 335 3.60 -10.33 14.92
N ASP B 336 4.28 -11.48 14.94
CA ASP B 336 5.38 -11.70 15.88
C ASP B 336 6.74 -11.43 15.26
N GLN B 337 6.83 -11.30 13.94
CA GLN B 337 8.13 -11.08 13.30
C GLN B 337 8.88 -9.89 13.90
N PRO B 338 8.26 -8.74 14.18
CA PRO B 338 9.00 -7.66 14.85
C PRO B 338 9.49 -8.07 16.23
N HIS B 339 8.67 -8.81 16.99
CA HIS B 339 9.01 -9.25 18.33
C HIS B 339 9.84 -10.53 18.35
N LEU B 340 10.42 -10.94 17.23
CA LEU B 340 11.22 -12.16 17.14
C LEU B 340 12.58 -11.84 16.52
N PRO B 341 13.44 -11.12 17.25
CA PRO B 341 14.71 -10.69 16.64
C PRO B 341 15.67 -11.82 16.32
N TYR B 342 15.79 -12.82 17.20
CA TYR B 342 16.78 -13.87 16.98
C TYR B 342 16.36 -14.80 15.86
N VAL B 343 15.06 -15.10 15.77
CA VAL B 343 14.59 -16.01 14.73
C VAL B 343 15.06 -15.53 13.35
N MET B 344 14.94 -14.23 13.09
CA MET B 344 15.38 -13.69 11.82
C MET B 344 16.90 -13.62 11.76
N ALA B 345 17.55 -13.28 12.89
CA ALA B 345 19.00 -13.35 12.95
C ALA B 345 19.50 -14.73 12.53
N PHE B 346 18.85 -15.78 13.05
CA PHE B 346 19.19 -17.13 12.61
C PHE B 346 18.96 -17.29 11.12
N LEU B 347 17.87 -16.68 10.61
CA LEU B 347 17.60 -16.73 9.18
C LEU B 347 18.69 -16.02 8.39
N TYR B 348 18.97 -14.77 8.76
CA TYR B 348 19.89 -13.96 7.96
C TYR B 348 21.29 -14.57 7.91
N GLU B 349 21.74 -15.17 9.02
CA GLU B 349 23.07 -15.78 9.01
C GLU B 349 23.06 -17.20 8.46
N ALA B 350 21.93 -17.90 8.52
CA ALA B 350 21.84 -19.16 7.81
C ALA B 350 22.03 -18.93 6.31
N MET B 351 21.44 -17.85 5.80
CA MET B 351 21.67 -17.48 4.40
C MET B 351 23.10 -17.01 4.19
N ARG B 352 23.65 -16.25 5.15
CA ARG B 352 25.02 -15.77 5.03
C ARG B 352 26.02 -16.92 5.12
N PHE B 353 25.86 -17.78 6.12
CA PHE B 353 26.78 -18.89 6.30
C PHE B 353 26.76 -19.83 5.10
N SER B 354 25.56 -20.30 4.74
CA SER B 354 25.44 -21.26 3.64
C SER B 354 25.76 -20.59 2.30
N SER B 355 25.16 -19.43 2.04
CA SER B 355 25.24 -18.79 0.73
C SER B 355 24.86 -19.78 -0.37
N PHE B 356 23.74 -20.48 -0.15
CA PHE B 356 23.34 -21.55 -1.06
C PHE B 356 23.09 -21.06 -2.47
N VAL B 357 23.08 -19.74 -2.69
CA VAL B 357 23.13 -19.18 -4.05
C VAL B 357 24.50 -18.54 -4.21
N PRO B 358 25.56 -19.31 -4.46
CA PRO B 358 26.89 -18.70 -4.54
C PRO B 358 27.05 -17.73 -5.69
N VAL B 359 26.55 -18.09 -6.87
CA VAL B 359 26.62 -17.24 -8.06
C VAL B 359 25.20 -16.99 -8.54
N THR B 360 24.88 -15.72 -8.77
CA THR B 360 23.55 -15.35 -9.25
C THR B 360 23.36 -15.83 -10.68
N ILE B 361 22.19 -15.53 -11.23
CA ILE B 361 21.98 -15.80 -12.66
C ILE B 361 22.97 -14.96 -13.45
N PRO B 362 23.66 -15.51 -14.46
CA PRO B 362 24.66 -14.72 -15.18
C PRO B 362 24.05 -13.45 -15.75
N HIS B 363 24.75 -12.34 -15.55
CA HIS B 363 24.34 -11.05 -16.09
C HIS B 363 24.99 -10.82 -17.45
N ALA B 364 24.49 -9.81 -18.16
CA ALA B 364 25.09 -9.35 -19.40
C ALA B 364 25.07 -7.84 -19.41
N THR B 365 26.10 -7.25 -20.02
CA THR B 365 26.27 -5.81 -20.02
C THR B 365 25.42 -5.19 -21.12
N THR B 366 24.71 -4.11 -20.78
CA THR B 366 23.86 -3.43 -21.76
C THR B 366 24.70 -2.65 -22.76
N ALA B 367 25.88 -2.19 -22.37
CA ALA B 367 26.78 -1.48 -23.23
C ALA B 367 28.21 -1.81 -22.79
N ASP B 368 29.18 -1.12 -23.36
CA ASP B 368 30.56 -1.22 -22.88
C ASP B 368 30.76 -0.21 -21.76
N THR B 369 31.51 -0.62 -20.75
CA THR B 369 31.76 0.24 -19.59
C THR B 369 33.04 -0.21 -18.92
N SER B 370 33.49 0.59 -17.96
CA SER B 370 34.68 0.27 -17.18
C SER B 370 34.37 0.48 -15.70
N ILE B 371 34.79 -0.48 -14.89
CA ILE B 371 34.60 -0.41 -13.44
C ILE B 371 35.91 -0.78 -12.77
N MET B 372 36.27 -0.04 -11.73
CA MET B 372 37.52 -0.27 -10.99
C MET B 372 38.72 -0.29 -11.95
N GLY B 373 38.64 0.51 -13.02
CA GLY B 373 39.74 0.71 -13.92
C GLY B 373 39.83 -0.23 -15.10
N TYR B 374 39.05 -1.30 -15.12
CA TYR B 374 39.11 -2.26 -16.22
C TYR B 374 37.98 -1.97 -17.21
N HIS B 375 38.26 -2.22 -18.48
CA HIS B 375 37.29 -1.98 -19.54
C HIS B 375 36.49 -3.25 -19.82
N ILE B 376 35.18 -3.08 -20.04
CA ILE B 376 34.27 -4.19 -20.28
C ILE B 376 33.49 -3.92 -21.56
N PRO B 377 33.69 -4.68 -22.63
CA PRO B 377 32.90 -4.47 -23.86
C PRO B 377 31.46 -4.93 -23.68
N LYS B 378 30.62 -4.57 -24.65
CA LYS B 378 29.20 -4.88 -24.60
C LYS B 378 28.95 -6.37 -24.79
N ASP B 379 27.76 -6.80 -24.38
CA ASP B 379 27.29 -8.17 -24.59
C ASP B 379 28.27 -9.18 -24.02
N THR B 380 28.93 -8.82 -22.91
CA THR B 380 29.89 -9.69 -22.26
C THR B 380 29.23 -10.32 -21.03
N VAL B 381 29.38 -11.64 -20.90
CA VAL B 381 28.83 -12.35 -19.76
C VAL B 381 29.65 -12.03 -18.52
N VAL B 382 28.96 -11.82 -17.40
CA VAL B 382 29.61 -11.48 -16.14
C VAL B 382 28.88 -12.19 -15.01
N PHE B 383 29.61 -12.98 -14.23
CA PHE B 383 29.05 -13.61 -13.05
C PHE B 383 29.11 -12.66 -11.87
N VAL B 384 28.39 -13.01 -10.80
CA VAL B 384 28.34 -12.23 -9.58
C VAL B 384 28.52 -13.20 -8.42
N ASN B 385 29.65 -13.10 -7.72
CA ASN B 385 29.99 -14.05 -6.66
C ASN B 385 29.45 -13.52 -5.35
N GLN B 386 28.23 -13.96 -5.01
CA GLN B 386 27.66 -13.60 -3.71
C GLN B 386 28.38 -14.27 -2.56
N TRP B 387 29.05 -15.40 -2.82
CA TRP B 387 29.75 -16.11 -1.75
C TRP B 387 30.92 -15.31 -1.22
N SER B 388 31.58 -14.53 -2.08
CA SER B 388 32.71 -13.71 -1.62
C SER B 388 32.25 -12.56 -0.75
N VAL B 389 31.00 -12.11 -0.91
CA VAL B 389 30.50 -11.02 -0.09
C VAL B 389 30.10 -11.50 1.29
N ASN B 390 29.73 -12.78 1.44
CA ASN B 390 29.24 -13.29 2.71
C ASN B 390 30.31 -13.96 3.56
N HIS B 391 31.53 -14.13 3.03
CA HIS B 391 32.60 -14.77 3.78
C HIS B 391 33.91 -14.00 3.67
N ASP B 392 33.86 -12.74 3.28
CA ASP B 392 35.06 -11.91 3.27
C ASP B 392 35.46 -11.61 4.72
N PRO B 393 36.63 -12.06 5.17
CA PRO B 393 36.96 -11.90 6.60
C PRO B 393 36.90 -10.45 7.06
N VAL B 394 37.20 -9.49 6.18
CA VAL B 394 37.13 -8.08 6.56
C VAL B 394 35.70 -7.72 6.96
N LYS B 395 34.73 -8.06 6.11
CA LYS B 395 33.33 -7.80 6.39
C LYS B 395 32.86 -8.58 7.62
N TRP B 396 32.86 -9.91 7.51
CA TRP B 396 32.39 -10.76 8.58
C TRP B 396 33.60 -11.35 9.30
N PRO B 397 33.92 -10.88 10.53
CA PRO B 397 35.24 -11.19 11.12
C PRO B 397 35.58 -12.68 11.11
N ASN B 398 34.72 -13.52 11.69
CA ASN B 398 34.91 -14.96 11.61
C ASN B 398 34.01 -15.50 10.51
N PRO B 399 34.54 -15.77 9.31
CA PRO B 399 33.64 -16.09 8.19
C PRO B 399 32.96 -17.44 8.33
N GLU B 400 33.70 -18.47 8.71
CA GLU B 400 33.19 -19.84 8.74
C GLU B 400 32.51 -20.19 10.05
N ASP B 401 32.22 -19.23 10.92
CA ASP B 401 31.58 -19.49 12.20
C ASP B 401 30.12 -19.03 12.15
N PHE B 402 29.22 -19.90 12.60
CA PHE B 402 27.79 -19.63 12.58
C PHE B 402 27.35 -19.06 13.94
N ASN B 403 27.06 -17.76 13.97
CA ASN B 403 26.60 -17.08 15.18
C ASN B 403 25.60 -16.01 14.77
N PRO B 404 24.30 -16.28 14.90
CA PRO B 404 23.30 -15.28 14.46
C PRO B 404 23.35 -13.98 15.21
N ALA B 405 24.01 -13.93 16.37
CA ALA B 405 24.06 -12.70 17.16
C ALA B 405 24.80 -11.57 16.45
N ARG B 406 25.46 -11.85 15.32
CA ARG B 406 26.13 -10.79 14.57
C ARG B 406 25.18 -9.65 14.28
N PHE B 407 23.99 -9.98 13.78
CA PHE B 407 22.98 -9.02 13.33
C PHE B 407 22.19 -8.41 14.49
N LEU B 408 22.54 -8.72 15.73
CA LEU B 408 21.86 -8.14 16.88
C LEU B 408 22.70 -7.02 17.49
N ASN B 415 17.54 -5.98 16.22
CA ASN B 415 18.55 -6.48 15.30
C ASN B 415 18.97 -5.40 14.31
N LYS B 416 20.26 -5.38 13.99
CA LYS B 416 20.79 -4.37 13.10
C LYS B 416 20.51 -4.72 11.64
N ASP B 417 20.29 -3.68 10.84
CA ASP B 417 19.96 -3.85 9.43
C ASP B 417 21.20 -3.98 8.59
N LEU B 418 22.26 -4.57 9.16
CA LEU B 418 23.42 -4.98 8.38
C LEU B 418 23.09 -6.22 7.57
N ALA B 419 22.11 -6.99 8.02
CA ALA B 419 21.56 -8.12 7.27
C ALA B 419 21.39 -7.74 5.80
N SER B 420 20.93 -6.51 5.55
CA SER B 420 20.78 -6.04 4.18
C SER B 420 22.06 -6.22 3.37
N SER B 421 23.21 -6.30 4.05
CA SER B 421 24.48 -6.50 3.38
C SER B 421 24.77 -7.96 3.09
N VAL B 422 23.96 -8.89 3.62
CA VAL B 422 24.09 -10.30 3.24
C VAL B 422 23.57 -10.44 1.81
N MET B 423 24.41 -10.95 0.93
CA MET B 423 24.10 -11.03 -0.50
C MET B 423 23.69 -12.45 -0.85
N ILE B 424 22.39 -12.66 -1.08
CA ILE B 424 21.89 -13.95 -1.51
C ILE B 424 20.72 -13.74 -2.47
N PHE B 425 19.99 -12.64 -2.27
CA PHE B 425 18.96 -12.20 -3.20
C PHE B 425 19.50 -11.25 -4.26
N SER B 426 20.81 -11.00 -4.26
CA SER B 426 21.44 -10.09 -5.21
C SER B 426 20.99 -8.66 -4.99
N VAL B 427 21.46 -7.75 -5.84
CA VAL B 427 21.18 -6.32 -5.72
C VAL B 427 21.01 -5.73 -7.10
N GLY B 428 20.50 -4.51 -7.15
CA GLY B 428 20.38 -3.79 -8.39
C GLY B 428 19.07 -4.01 -9.12
N LYS B 429 19.12 -4.10 -10.45
CA LYS B 429 17.93 -4.14 -11.27
C LYS B 429 17.46 -5.56 -11.60
N ARG B 430 18.27 -6.58 -11.28
CA ARG B 430 17.86 -7.97 -11.46
C ARG B 430 17.71 -8.71 -10.13
N ARG B 431 17.71 -7.98 -9.01
CA ARG B 431 17.59 -8.63 -7.71
C ARG B 431 16.24 -9.35 -7.61
N CYS B 432 16.20 -10.39 -6.77
CA CYS B 432 15.00 -11.21 -6.64
C CYS B 432 13.80 -10.35 -6.28
N ILE B 433 12.70 -10.55 -7.01
CA ILE B 433 11.45 -9.86 -6.70
C ILE B 433 10.67 -10.55 -5.59
N GLY B 434 11.10 -11.72 -5.16
CA GLY B 434 10.43 -12.44 -4.09
C GLY B 434 11.21 -12.44 -2.80
N GLU B 435 12.06 -11.42 -2.60
CA GLU B 435 12.83 -11.33 -1.37
C GLU B 435 11.92 -11.26 -0.16
N GLU B 436 11.11 -10.20 -0.06
CA GLU B 436 10.25 -10.03 1.10
C GLU B 436 9.17 -11.09 1.20
N LEU B 437 9.00 -11.92 0.18
CA LEU B 437 8.05 -13.03 0.25
C LEU B 437 8.67 -14.27 0.86
N SER B 438 9.87 -14.65 0.40
CA SER B 438 10.52 -15.84 0.93
C SER B 438 11.06 -15.61 2.34
N LYS B 439 11.20 -14.36 2.78
CA LYS B 439 11.60 -14.10 4.15
C LYS B 439 10.46 -14.44 5.11
N MET B 440 9.25 -13.96 4.82
CA MET B 440 8.09 -14.35 5.63
C MET B 440 7.86 -15.85 5.54
N GLN B 441 7.86 -16.37 4.31
CA GLN B 441 7.66 -17.80 4.10
C GLN B 441 8.64 -18.62 4.96
N LEU B 442 9.93 -18.35 4.81
CA LEU B 442 10.92 -19.08 5.58
C LEU B 442 10.82 -18.75 7.07
N PHE B 443 10.57 -17.49 7.40
CA PHE B 443 10.42 -17.11 8.80
C PHE B 443 9.29 -17.87 9.46
N LEU B 444 8.15 -17.98 8.79
CA LEU B 444 7.02 -18.70 9.36
C LEU B 444 7.30 -20.18 9.51
N PHE B 445 8.15 -20.74 8.65
CA PHE B 445 8.46 -22.16 8.71
C PHE B 445 9.32 -22.48 9.94
N ILE B 446 10.47 -21.82 10.05
CA ILE B 446 11.37 -22.14 11.16
C ILE B 446 10.74 -21.78 12.50
N SER B 447 9.91 -20.74 12.54
CA SER B 447 9.26 -20.38 13.80
C SER B 447 8.21 -21.41 14.18
N ILE B 448 7.53 -22.01 13.19
CA ILE B 448 6.60 -23.09 13.48
C ILE B 448 7.34 -24.38 13.81
N LEU B 449 8.37 -24.70 13.03
CA LEU B 449 9.10 -25.95 13.25
C LEU B 449 9.75 -25.98 14.63
N ALA B 450 10.25 -24.83 15.10
CA ALA B 450 10.91 -24.77 16.39
C ALA B 450 9.94 -24.58 17.54
N HIS B 451 8.75 -24.04 17.29
CA HIS B 451 7.75 -23.87 18.32
C HIS B 451 7.07 -25.18 18.70
N GLN B 452 7.22 -26.23 17.89
CA GLN B 452 6.54 -27.49 18.11
C GLN B 452 7.47 -28.68 18.26
N CYS B 453 8.64 -28.68 17.60
CA CYS B 453 9.47 -29.86 17.51
C CYS B 453 10.87 -29.58 18.05
N ASN B 454 11.61 -30.66 18.26
CA ASN B 454 12.99 -30.61 18.75
C ASN B 454 13.84 -31.43 17.79
N PHE B 455 14.78 -30.78 17.11
CA PHE B 455 15.56 -31.40 16.05
C PHE B 455 16.89 -31.88 16.58
N ARG B 456 17.17 -33.17 16.39
CA ARG B 456 18.42 -33.80 16.80
C ARG B 456 19.14 -34.33 15.57
N ALA B 457 20.48 -34.21 15.58
CA ALA B 457 21.29 -34.75 14.50
C ALA B 457 21.24 -36.27 14.52
N ASN B 458 21.92 -36.88 13.54
CA ASN B 458 22.13 -38.33 13.54
C ASN B 458 23.52 -38.64 14.08
N PRO B 459 23.65 -39.51 15.08
CA PRO B 459 24.97 -39.71 15.72
C PRO B 459 25.96 -40.45 14.84
N ASP B 460 25.54 -41.03 13.72
CA ASP B 460 26.43 -41.82 12.87
C ASP B 460 26.96 -41.02 11.68
N GLU B 461 26.52 -39.78 11.50
CA GLU B 461 26.84 -39.04 10.29
C GLU B 461 28.12 -38.20 10.41
N ASP B 462 28.91 -38.41 11.45
CA ASP B 462 30.26 -37.84 11.56
C ASP B 462 30.25 -36.31 11.49
N SER B 463 29.11 -35.68 11.71
CA SER B 463 29.01 -34.23 11.62
C SER B 463 29.58 -33.73 10.31
N LYS B 464 30.28 -32.59 10.33
CA LYS B 464 30.96 -32.08 9.14
C LYS B 464 29.98 -31.94 7.98
N MET B 465 29.28 -30.80 7.92
CA MET B 465 28.33 -30.52 6.85
C MET B 465 28.99 -30.60 5.49
N ASP B 466 28.67 -31.63 4.71
CA ASP B 466 29.22 -31.81 3.37
C ASP B 466 28.27 -31.24 2.35
N PHE B 467 28.81 -30.50 1.39
CA PHE B 467 28.00 -29.72 0.45
C PHE B 467 27.74 -30.51 -0.82
N SER B 468 26.63 -30.15 -1.48
CA SER B 468 26.26 -30.69 -2.78
C SER B 468 26.16 -29.52 -3.75
N TYR B 469 27.01 -29.50 -4.75
CA TYR B 469 27.20 -28.33 -5.60
C TYR B 469 26.25 -28.34 -6.79
N GLY B 470 26.23 -27.23 -7.52
CA GLY B 470 25.34 -27.04 -8.65
C GLY B 470 24.08 -26.29 -8.27
N LEU B 471 23.60 -25.43 -9.17
CA LEU B 471 22.39 -24.63 -8.94
C LEU B 471 22.39 -23.96 -7.58
N THR B 472 22.33 -24.77 -6.52
CA THR B 472 22.32 -24.28 -5.15
C THR B 472 23.11 -25.23 -4.29
N ILE B 473 23.84 -24.68 -3.32
CA ILE B 473 24.63 -25.51 -2.42
C ILE B 473 23.69 -26.21 -1.45
N LYS B 474 23.31 -27.44 -1.77
CA LYS B 474 22.49 -28.21 -0.86
C LYS B 474 23.36 -29.02 0.08
N PRO B 475 23.01 -29.14 1.36
CA PRO B 475 23.78 -30.02 2.24
C PRO B 475 23.64 -31.46 1.79
N LYS B 476 24.77 -32.12 1.56
CA LYS B 476 24.75 -33.50 1.09
C LYS B 476 23.93 -34.36 2.05
N SER B 477 23.42 -35.47 1.51
CA SER B 477 22.45 -36.32 2.20
C SER B 477 22.75 -36.41 3.69
N PHE B 478 21.73 -36.13 4.50
CA PHE B 478 21.83 -36.25 5.95
C PHE B 478 20.49 -36.73 6.49
N THR B 479 20.47 -37.05 7.79
CA THR B 479 19.26 -37.52 8.45
C THR B 479 19.14 -36.83 9.80
N ILE B 480 17.90 -36.70 10.27
CA ILE B 480 17.61 -36.03 11.53
C ILE B 480 16.52 -36.80 12.27
N ASN B 481 16.43 -36.53 13.57
CA ASN B 481 15.39 -37.09 14.44
C ASN B 481 14.56 -35.94 14.97
N VAL B 482 13.26 -35.97 14.68
CA VAL B 482 12.34 -34.89 15.02
C VAL B 482 11.31 -35.44 16.01
N THR B 483 11.31 -34.90 17.22
CA THR B 483 10.34 -35.26 18.23
C THR B 483 9.66 -33.98 18.74
N LEU B 484 8.44 -34.15 19.24
CA LEU B 484 7.70 -33.01 19.79
C LEU B 484 8.32 -32.56 21.11
N ARG B 485 7.96 -31.35 21.53
CA ARG B 485 8.49 -30.81 22.77
C ARG B 485 7.48 -29.87 23.42
N SER B 486 7.64 -29.69 24.73
CA SER B 486 6.92 -28.69 25.50
C SER B 486 7.88 -28.14 26.54
N THR B 487 7.58 -26.94 27.04
CA THR B 487 8.40 -26.34 28.08
C THR B 487 7.57 -25.42 28.96
#